data_5XPG
#
_entry.id   5XPG
#
_cell.length_a   202.351
_cell.length_b   202.351
_cell.length_c   202.351
_cell.angle_alpha   90.00
_cell.angle_beta   90.00
_cell.angle_gamma   90.00
#
_symmetry.space_group_name_H-M   'P 41 3 2'
#
loop_
_entity.id
_entity.type
_entity.pdbx_description
1 polymer 'Uncharacterized protein'
2 polymer "5'-D(P*TP*GP*AP*GP*GP*TP*AP*GP*TP*AP*GP*GP*TP*TP*GP*TP*AP*TP*A P*GP*T)-3'"
3 polymer "5'-R(*UP*AP*U*AP*CP*AP*AP*CP*CP*UP*AP*CP*AP*UP*AP*CP*CP*UP*CP* G)-3'"
4 non-polymer 'SULFATE ION'
5 non-polymer 'MAGNESIUM ION'
6 water water
#
loop_
_entity_poly.entity_id
_entity_poly.type
_entity_poly.pdbx_seq_one_letter_code
_entity_poly.pdbx_strand_id
1 'polypeptide(L)'
;MNHLGKTEVFLNRFALRPLNPEELRPWRLEVVLDPPPGREEVYPLLAQVARRAGGVTVRMGDGLASWSPPEVLVLEGTLA
RMGQTYAYRLYPKGRRPLDPKDPGERSVLSALARRLLQERLRRLEGVWVEGLAVYRREHARGPGWRVLGGAVLDLWVSDS
GAFLLEVDPAYRILCEMSLEAWLAQGHPLPKRVRNAYDRRTWELLRLGEEDPKELPLPGGLSLLDYHASKGRLQGREGGR
VAWVADPKDPRKPIPHLTGLLVPVLTLEDLHEEEGSLALSLPWEERRRRTREIASWIGRRLGLGTPEAVRAQAYRLSIPK
LMGRRAVSKPADALRVGFYRAQETALALLRLDGAQGWPEFLRRALLRAFGASGASLRLHTLHAHPSQGLAFREALRKAKE
EGVQAVLVLTPPMAWEDRNRLKALLLREGLPSQILNVPLREEERHRWENALLGLLAKAGLQVVALSGAYPAELAVGFDAG
GRESFRFGGAACAVGGDGGHLLWTLPEAQAGERIPQEVVWDLLEETLWAFRRKAGRLPSRVLLLRNGRVPQDEFALALEA
LAREGIAYDLVSVRKSGGGRVYPVQGRLADGLYVPLEDKTFLLLTVHRDFRGTPRPLKLVHEAGDTPLEALAHQIFHLTR
LYPASGFAFPRLPAPLHLADRLVKEVGRLGIRHLKEVDREKLFFV
;
A
2 'polydeoxyribonucleotide'
;(DT)(DG)(DA)(DG)(DG)(DT)(DA)(DG)(DT)(DA)(DG)(DG)(DT)(DT)(DG)(DT)(DA)(DT)(DA)(DG)
(DT)
;
C
3 'polyribonucleotide' UAUACAACCUACAUACCUCG G
#
# COMPACT_ATOMS: atom_id res chain seq x y z
N ASN A 2 -24.10 9.68 -23.66
CA ASN A 2 -23.34 8.67 -22.92
C ASN A 2 -24.16 7.40 -22.73
N HIS A 3 -23.51 6.25 -22.96
CA HIS A 3 -24.16 4.94 -22.83
C HIS A 3 -23.96 4.32 -21.43
N LEU A 4 -23.41 5.13 -20.52
CA LEU A 4 -23.16 4.71 -19.14
C LEU A 4 -24.15 5.39 -18.19
N GLY A 5 -24.55 4.67 -17.15
CA GLY A 5 -25.51 5.19 -16.19
C GLY A 5 -24.91 6.24 -15.27
N LYS A 6 -25.52 7.42 -15.22
CA LYS A 6 -25.12 8.47 -14.30
C LYS A 6 -25.50 8.17 -12.85
N THR A 7 -24.70 8.64 -11.91
CA THR A 7 -25.06 8.65 -10.49
C THR A 7 -24.35 9.84 -9.84
N GLU A 8 -24.93 10.39 -8.78
CA GLU A 8 -24.22 11.41 -8.04
C GLU A 8 -23.51 10.82 -6.84
N VAL A 9 -22.34 11.37 -6.52
CA VAL A 9 -21.62 10.94 -5.34
C VAL A 9 -21.18 12.12 -4.50
N PHE A 10 -20.98 11.87 -3.21
CA PHE A 10 -20.29 12.80 -2.35
C PHE A 10 -18.83 12.41 -2.31
N LEU A 11 -17.96 13.41 -2.29
CA LEU A 11 -16.59 13.17 -1.89
C LEU A 11 -16.55 13.48 -0.41
N ASN A 12 -15.48 13.06 0.26
CA ASN A 12 -15.34 13.39 1.68
C ASN A 12 -14.67 14.75 1.88
N ARG A 13 -15.04 15.71 1.02
CA ARG A 13 -14.57 17.09 1.12
C ARG A 13 -15.77 18.01 1.35
N PHE A 14 -15.53 19.15 1.98
CA PHE A 14 -16.62 20.08 2.23
C PHE A 14 -16.15 21.46 1.86
N ALA A 15 -17.00 22.22 1.18
CA ALA A 15 -16.64 23.57 0.79
C ALA A 15 -16.96 24.53 1.92
N LEU A 16 -16.04 25.43 2.19
CA LEU A 16 -16.29 26.45 3.19
C LEU A 16 -16.12 27.81 2.57
N ARG A 17 -16.33 28.83 3.40
CA ARG A 17 -16.29 30.23 3.01
C ARG A 17 -15.11 30.62 2.09
N PRO A 18 -15.29 31.66 1.26
CA PRO A 18 -14.20 32.27 0.48
C PRO A 18 -13.36 33.17 1.39
N LEU A 19 -12.05 33.17 1.20
CA LEU A 19 -11.15 33.87 2.12
C LEU A 19 -11.44 35.37 2.23
N ASN A 20 -11.30 35.91 3.42
CA ASN A 20 -11.48 37.34 3.64
C ASN A 20 -10.16 38.10 3.42
N PRO A 21 -10.23 39.45 3.38
CA PRO A 21 -9.07 40.34 3.16
C PRO A 21 -7.86 39.99 4.01
N GLU A 22 -8.03 40.00 5.33
CA GLU A 22 -6.94 39.74 6.29
C GLU A 22 -6.27 38.38 6.10
N GLU A 23 -6.91 37.48 5.35
CA GLU A 23 -6.39 36.14 5.13
C GLU A 23 -5.58 36.08 3.83
N LEU A 24 -5.95 36.91 2.85
CA LEU A 24 -5.25 36.98 1.57
C LEU A 24 -3.98 37.84 1.64
N ARG A 25 -3.94 38.78 2.58
CA ARG A 25 -2.79 39.65 2.75
C ARG A 25 -2.11 39.41 4.10
N PRO A 26 -1.25 38.37 4.15
CA PRO A 26 -0.54 37.97 5.37
C PRO A 26 0.64 38.86 5.67
N TRP A 27 0.99 38.99 6.95
CA TRP A 27 2.23 39.64 7.35
C TRP A 27 3.38 38.93 6.65
N ARG A 28 4.17 39.67 5.88
CA ARG A 28 5.31 39.09 5.18
C ARG A 28 6.55 39.30 6.05
N LEU A 29 7.60 38.56 5.77
CA LEU A 29 8.82 38.71 6.56
C LEU A 29 10.08 38.33 5.79
N GLU A 30 11.20 38.94 6.17
CA GLU A 30 12.49 38.64 5.58
C GLU A 30 13.31 37.91 6.62
N VAL A 31 14.05 36.90 6.18
CA VAL A 31 14.82 36.08 7.10
C VAL A 31 16.31 36.23 6.87
N VAL A 32 17.02 36.65 7.91
CA VAL A 32 18.46 36.81 7.83
C VAL A 32 19.15 35.84 8.78
N LEU A 33 19.62 34.72 8.23
CA LEU A 33 20.25 33.67 9.01
C LEU A 33 21.77 33.79 9.01
N ASP A 34 22.36 33.73 10.21
CA ASP A 34 23.82 33.80 10.37
C ASP A 34 24.30 32.75 11.35
N PRO A 35 25.18 31.83 10.91
CA PRO A 35 25.78 31.76 9.57
C PRO A 35 24.75 31.55 8.46
N PRO A 36 24.92 32.22 7.31
CA PRO A 36 24.01 32.06 6.17
C PRO A 36 23.82 30.59 5.80
N PRO A 37 22.60 30.22 5.39
CA PRO A 37 22.20 28.82 5.15
C PRO A 37 23.06 28.17 4.08
N GLY A 38 22.85 26.87 3.87
CA GLY A 38 23.49 26.17 2.79
C GLY A 38 22.68 26.35 1.52
N ARG A 39 22.56 25.28 0.75
CA ARG A 39 21.74 25.29 -0.46
C ARG A 39 20.73 24.16 -0.38
N GLU A 40 21.15 23.02 0.15
CA GLU A 40 20.26 21.89 0.36
C GLU A 40 19.57 22.06 1.72
N GLU A 41 20.02 23.06 2.48
CA GLU A 41 19.54 23.26 3.84
C GLU A 41 18.77 24.58 4.00
N VAL A 42 18.47 25.25 2.89
CA VAL A 42 17.73 26.51 2.93
C VAL A 42 16.28 26.32 3.39
N TYR A 43 15.49 25.62 2.58
CA TYR A 43 14.07 25.40 2.90
C TYR A 43 13.84 24.71 4.25
N PRO A 44 14.59 23.64 4.55
CA PRO A 44 14.48 22.93 5.82
C PRO A 44 14.70 23.82 7.04
N LEU A 45 15.60 24.79 6.94
CA LEU A 45 15.85 25.70 8.05
C LEU A 45 14.77 26.80 8.11
N LEU A 46 14.31 27.22 6.94
CA LEU A 46 13.25 28.22 6.86
C LEU A 46 11.98 27.71 7.55
N ALA A 47 11.65 26.46 7.27
CA ALA A 47 10.48 25.84 7.87
C ALA A 47 10.66 25.67 9.37
N GLN A 48 11.86 25.29 9.80
CA GLN A 48 12.17 25.14 11.22
C GLN A 48 12.19 26.51 11.92
N VAL A 49 12.07 27.57 11.13
CA VAL A 49 12.02 28.93 11.66
C VAL A 49 10.57 29.37 11.87
N ALA A 50 9.71 28.99 10.96
CA ALA A 50 8.27 29.20 11.12
C ALA A 50 7.75 28.53 12.41
N ARG A 51 8.15 27.29 12.64
CA ARG A 51 7.77 26.60 13.88
C ARG A 51 8.41 27.25 15.11
N ARG A 52 9.58 27.87 14.92
CA ARG A 52 10.32 28.49 16.02
C ARG A 52 9.87 29.92 16.27
N ALA A 53 9.07 30.46 15.34
CA ALA A 53 8.54 31.80 15.47
C ALA A 53 7.17 31.78 16.12
N GLY A 54 6.49 30.64 16.00
CA GLY A 54 5.15 30.48 16.55
C GLY A 54 4.10 31.21 15.73
N GLY A 55 2.85 31.10 16.15
CA GLY A 55 1.76 31.77 15.45
C GLY A 55 1.42 31.07 14.14
N VAL A 56 0.55 31.68 13.35
CA VAL A 56 0.14 31.09 12.08
C VAL A 56 1.15 31.44 10.99
N THR A 57 2.35 30.86 11.08
CA THR A 57 3.42 31.18 10.16
C THR A 57 3.86 29.98 9.30
N VAL A 58 4.00 30.24 8.00
CA VAL A 58 4.47 29.24 7.05
C VAL A 58 5.56 29.88 6.18
N ARG A 59 6.57 29.10 5.77
CA ARG A 59 7.61 29.68 4.91
C ARG A 59 7.04 30.12 3.56
N MET A 60 7.64 31.17 3.02
CA MET A 60 7.29 31.67 1.70
C MET A 60 8.55 32.14 0.99
N GLY A 61 8.93 31.43 -0.06
CA GLY A 61 10.17 31.71 -0.78
C GLY A 61 11.38 31.61 0.13
N ASP A 62 12.07 32.73 0.31
CA ASP A 62 13.25 32.78 1.17
C ASP A 62 12.94 33.36 2.57
N GLY A 63 11.68 33.72 2.79
CA GLY A 63 11.22 34.19 4.09
C GLY A 63 9.99 33.43 4.57
N LEU A 64 9.14 34.08 5.36
CA LEU A 64 7.88 33.47 5.77
C LEU A 64 6.67 34.41 5.72
N ALA A 65 5.49 33.82 5.52
CA ALA A 65 4.21 34.52 5.61
C ALA A 65 3.59 34.23 6.96
N SER A 66 2.63 35.03 7.37
CA SER A 66 2.04 34.87 8.69
C SER A 66 0.64 35.46 8.78
N TRP A 67 -0.20 34.81 9.56
CA TRP A 67 -1.53 35.31 9.90
C TRP A 67 -1.53 35.73 11.38
N SER A 68 -0.32 35.96 11.90
CA SER A 68 -0.12 36.41 13.27
C SER A 68 0.61 37.75 13.26
N PRO A 69 0.28 38.62 14.22
CA PRO A 69 0.97 39.91 14.39
C PRO A 69 2.43 39.72 14.77
N PRO A 70 3.34 40.52 14.19
CA PRO A 70 4.76 40.42 14.56
C PRO A 70 4.91 40.53 16.07
N GLU A 71 3.94 41.18 16.70
CA GLU A 71 3.98 41.47 18.13
C GLU A 71 3.81 40.23 19.01
N VAL A 72 3.59 39.08 18.38
CA VAL A 72 3.52 37.81 19.09
C VAL A 72 4.48 36.79 18.48
N LEU A 73 5.42 37.28 17.69
CA LEU A 73 6.40 36.43 17.00
C LEU A 73 7.81 36.62 17.57
N VAL A 74 8.47 35.50 17.88
CA VAL A 74 9.87 35.52 18.30
C VAL A 74 10.74 35.98 17.13
N LEU A 75 11.23 37.22 17.20
CA LEU A 75 11.97 37.81 16.09
C LEU A 75 13.47 37.54 16.16
N GLU A 76 13.97 37.29 17.37
CA GLU A 76 15.38 36.95 17.56
C GLU A 76 15.48 35.62 18.29
N GLY A 77 16.26 34.69 17.75
CA GLY A 77 16.43 33.39 18.35
C GLY A 77 17.60 32.61 17.79
N THR A 78 17.61 31.30 18.04
CA THR A 78 18.71 30.44 17.62
C THR A 78 18.26 28.98 17.51
N LEU A 79 18.55 28.35 16.37
CA LEU A 79 18.25 26.94 16.20
C LEU A 79 19.47 26.16 15.70
N ALA A 80 19.63 24.93 16.18
CA ALA A 80 20.79 24.12 15.85
C ALA A 80 20.44 22.99 14.87
N ARG A 81 20.90 23.11 13.61
CA ARG A 81 20.65 22.09 12.60
C ARG A 81 21.78 21.04 12.56
N MET A 82 21.95 20.41 11.40
CA MET A 82 22.96 19.36 11.25
C MET A 82 24.37 19.90 11.47
N GLY A 83 24.79 19.96 12.73
CA GLY A 83 26.13 20.40 13.07
C GLY A 83 26.26 21.87 13.41
N GLN A 84 25.78 22.74 12.52
CA GLN A 84 25.95 24.19 12.68
C GLN A 84 24.86 24.84 13.52
N THR A 85 25.24 25.88 14.28
CA THR A 85 24.30 26.63 15.10
C THR A 85 24.05 28.02 14.51
N TYR A 86 22.85 28.24 14.00
CA TYR A 86 22.53 29.50 13.33
C TYR A 86 21.76 30.44 14.25
N ALA A 87 21.70 31.71 13.86
CA ALA A 87 20.90 32.70 14.57
C ALA A 87 20.02 33.45 13.57
N TYR A 88 18.74 33.59 13.89
CA TYR A 88 17.79 34.22 12.97
C TYR A 88 17.33 35.61 13.41
N ARG A 89 16.89 36.39 12.43
CA ARG A 89 16.36 37.72 12.68
C ARG A 89 15.25 38.00 11.69
N LEU A 90 14.16 38.59 12.15
CA LEU A 90 12.98 38.75 11.33
C LEU A 90 12.74 40.20 10.94
N TYR A 91 12.52 40.44 9.64
CA TYR A 91 12.32 41.79 9.14
C TYR A 91 11.02 41.94 8.34
N PRO A 92 9.98 42.49 8.98
CA PRO A 92 8.65 42.66 8.41
C PRO A 92 8.64 43.37 7.06
N LYS A 93 8.75 42.60 5.97
CA LYS A 93 8.76 43.16 4.62
C LYS A 93 7.37 43.64 4.19
N GLY A 94 6.65 44.29 5.09
CA GLY A 94 5.35 44.86 4.79
C GLY A 94 4.22 43.86 4.95
N ARG A 95 3.31 43.84 3.97
CA ARG A 95 2.19 42.91 3.93
C ARG A 95 1.58 42.83 2.54
N ARG A 96 2.24 42.06 1.66
CA ARG A 96 1.75 41.88 0.30
C ARG A 96 0.62 40.83 0.24
N PRO A 97 -0.33 41.04 -0.68
CA PRO A 97 -1.44 40.11 -0.93
C PRO A 97 -1.00 38.93 -1.80
N LEU A 98 -1.68 37.78 -1.65
CA LEU A 98 -1.40 36.60 -2.46
C LEU A 98 -2.54 36.25 -3.42
N ASP A 99 -2.26 35.37 -4.37
CA ASP A 99 -3.20 35.10 -5.43
C ASP A 99 -3.56 33.62 -5.49
N PRO A 100 -4.84 33.30 -5.21
CA PRO A 100 -5.36 31.93 -5.20
C PRO A 100 -5.13 31.18 -6.51
N LYS A 101 -5.02 31.90 -7.62
CA LYS A 101 -4.84 31.28 -8.92
C LYS A 101 -3.42 30.77 -9.09
N ASP A 102 -2.47 31.61 -8.69
CA ASP A 102 -1.05 31.27 -8.72
C ASP A 102 -0.82 29.96 -7.95
N PRO A 103 -0.53 28.87 -8.68
CA PRO A 103 -0.33 27.54 -8.11
C PRO A 103 0.56 27.55 -6.87
N GLY A 104 1.74 28.17 -7.00
CA GLY A 104 2.70 28.20 -5.90
C GLY A 104 2.38 29.24 -4.83
N GLU A 105 1.40 30.08 -5.08
CA GLU A 105 0.98 31.07 -4.09
C GLU A 105 -0.06 30.48 -3.15
N ARG A 106 -1.06 29.81 -3.72
CA ARG A 106 -2.06 29.16 -2.89
C ARG A 106 -1.43 28.00 -2.13
N SER A 107 -0.34 27.47 -2.67
CA SER A 107 0.46 26.51 -1.90
C SER A 107 0.78 27.11 -0.53
N VAL A 108 0.97 28.43 -0.48
CA VAL A 108 1.21 29.11 0.79
C VAL A 108 -0.08 29.40 1.53
N LEU A 109 -1.08 29.88 0.80
CA LEU A 109 -2.40 30.10 1.40
C LEU A 109 -2.89 28.81 2.08
N SER A 110 -2.88 27.72 1.32
CA SER A 110 -3.24 26.39 1.84
C SER A 110 -2.35 25.99 2.99
N ALA A 111 -1.06 26.30 2.90
CA ALA A 111 -0.14 26.03 4.00
C ALA A 111 -0.64 26.70 5.26
N LEU A 112 -1.03 27.96 5.14
CA LEU A 112 -1.49 28.73 6.29
C LEU A 112 -2.81 28.18 6.81
N ALA A 113 -3.68 27.78 5.90
CA ALA A 113 -4.98 27.19 6.24
C ALA A 113 -4.76 25.99 7.15
N ARG A 114 -3.84 25.12 6.74
CA ARG A 114 -3.49 23.94 7.50
C ARG A 114 -2.92 24.32 8.88
N ARG A 115 -2.16 25.41 8.93
CA ARG A 115 -1.57 25.87 10.18
C ARG A 115 -2.62 26.48 11.10
N LEU A 116 -3.54 27.22 10.49
CA LEU A 116 -4.68 27.77 11.20
C LEU A 116 -5.39 26.62 11.90
N LEU A 117 -5.85 25.66 11.10
CA LEU A 117 -6.58 24.50 11.58
C LEU A 117 -5.91 23.82 12.77
N GLN A 118 -4.60 23.64 12.69
CA GLN A 118 -3.88 22.98 13.76
C GLN A 118 -3.87 23.77 15.06
N GLU A 119 -3.81 25.10 14.98
CA GLU A 119 -3.72 25.86 16.22
C GLU A 119 -5.08 25.95 16.92
N ARG A 120 -6.12 26.19 16.13
CA ARG A 120 -7.48 26.18 16.66
C ARG A 120 -7.81 24.85 17.35
N LEU A 121 -7.33 23.75 16.78
CA LEU A 121 -7.55 22.44 17.37
C LEU A 121 -6.76 22.23 18.65
N ARG A 122 -5.56 22.80 18.71
CA ARG A 122 -4.67 22.55 19.84
C ARG A 122 -5.26 23.14 21.11
N ARG A 123 -6.04 24.21 20.96
CA ARG A 123 -6.61 24.89 22.11
C ARG A 123 -7.92 24.27 22.65
N LEU A 124 -8.44 23.28 21.95
CA LEU A 124 -9.66 22.60 22.38
C LEU A 124 -9.41 21.67 23.56
N GLU A 125 -10.37 21.64 24.48
CA GLU A 125 -10.16 21.00 25.78
C GLU A 125 -10.14 19.46 25.78
N GLY A 126 -11.27 18.84 25.44
CA GLY A 126 -11.38 17.39 25.56
C GLY A 126 -10.65 16.59 24.51
N VAL A 127 -10.28 17.26 23.42
CA VAL A 127 -9.78 16.56 22.25
C VAL A 127 -8.30 16.22 22.36
N TRP A 128 -7.92 15.09 21.76
CA TRP A 128 -6.52 14.73 21.59
C TRP A 128 -6.15 14.99 20.11
N VAL A 129 -5.01 15.62 19.87
CA VAL A 129 -4.66 16.01 18.51
C VAL A 129 -3.24 15.57 18.11
N GLU A 130 -3.16 14.58 17.23
CA GLU A 130 -1.87 14.15 16.69
C GLU A 130 -1.69 14.60 15.26
N GLY A 131 -1.01 15.72 15.06
CA GLY A 131 -0.84 16.26 13.73
C GLY A 131 -2.14 16.84 13.22
N LEU A 132 -2.73 16.19 12.22
CA LEU A 132 -4.04 16.64 11.74
C LEU A 132 -5.18 15.69 12.11
N ALA A 133 -4.85 14.55 12.72
CA ALA A 133 -5.87 13.69 13.29
C ALA A 133 -6.41 14.33 14.55
N VAL A 134 -7.72 14.31 14.74
CA VAL A 134 -8.31 14.72 15.99
C VAL A 134 -9.20 13.63 16.54
N TYR A 135 -8.97 13.26 17.79
CA TYR A 135 -9.81 12.28 18.46
C TYR A 135 -10.55 12.93 19.62
N ARG A 136 -11.87 12.75 19.67
CA ARG A 136 -12.69 13.55 20.56
C ARG A 136 -13.69 12.77 21.41
N ARG A 137 -13.85 11.49 21.14
CA ARG A 137 -14.91 10.73 21.80
C ARG A 137 -14.53 9.28 22.01
N GLU A 138 -14.69 8.80 23.24
CA GLU A 138 -14.54 7.39 23.50
C GLU A 138 -15.53 6.62 22.62
N HIS A 139 -15.07 5.56 22.00
CA HIS A 139 -15.88 4.85 21.03
C HIS A 139 -16.13 3.44 21.54
N ALA A 140 -15.14 2.87 22.20
CA ALA A 140 -15.27 1.57 22.84
C ALA A 140 -14.32 1.52 24.02
N ARG A 141 -14.49 0.51 24.89
CA ARG A 141 -13.67 0.43 26.09
C ARG A 141 -13.88 -0.90 26.80
N GLY A 142 -12.90 -1.27 27.61
CA GLY A 142 -12.94 -2.48 28.40
C GLY A 142 -11.98 -2.26 29.55
N PRO A 143 -11.68 -3.31 30.32
CA PRO A 143 -10.79 -3.07 31.46
C PRO A 143 -9.37 -2.79 31.01
N GLY A 144 -8.90 -1.56 31.23
CA GLY A 144 -7.54 -1.21 30.94
C GLY A 144 -7.31 -0.56 29.58
N TRP A 145 -8.24 -0.78 28.66
CA TRP A 145 -8.11 -0.21 27.32
C TRP A 145 -9.29 0.67 26.93
N ARG A 146 -9.06 1.56 25.97
CA ARG A 146 -10.14 2.31 25.34
C ARG A 146 -9.76 2.69 23.90
N VAL A 147 -10.78 2.84 23.05
CA VAL A 147 -10.59 3.25 21.67
C VAL A 147 -11.23 4.62 21.51
N LEU A 148 -10.44 5.60 21.12
CA LEU A 148 -10.94 6.95 20.88
C LEU A 148 -11.29 7.10 19.42
N GLY A 149 -12.32 7.87 19.13
CA GLY A 149 -12.75 8.09 17.78
C GLY A 149 -12.63 9.54 17.38
N GLY A 150 -12.25 9.76 16.13
CA GLY A 150 -12.14 11.09 15.59
C GLY A 150 -12.00 11.05 14.07
N ALA A 151 -11.09 11.84 13.53
CA ALA A 151 -10.86 11.86 12.09
C ALA A 151 -9.56 12.55 11.75
N VAL A 152 -8.87 12.09 10.73
CA VAL A 152 -7.78 12.89 10.19
C VAL A 152 -8.41 13.95 9.29
N LEU A 153 -7.85 15.14 9.29
CA LEU A 153 -8.45 16.26 8.58
C LEU A 153 -7.43 16.98 7.70
N ASP A 154 -7.93 17.90 6.90
CA ASP A 154 -7.07 18.76 6.12
C ASP A 154 -7.84 19.99 5.74
N LEU A 155 -7.17 21.13 5.76
CA LEU A 155 -7.78 22.40 5.37
C LEU A 155 -6.85 23.04 4.35
N TRP A 156 -7.36 23.25 3.15
CA TRP A 156 -6.57 23.89 2.12
C TRP A 156 -7.40 24.95 1.41
N VAL A 157 -6.77 25.67 0.48
CA VAL A 157 -7.44 26.76 -0.23
C VAL A 157 -7.69 26.39 -1.69
N SER A 158 -8.86 26.77 -2.21
CA SER A 158 -9.26 26.52 -3.60
C SER A 158 -8.39 27.29 -4.58
N ASP A 159 -8.53 26.98 -5.86
CA ASP A 159 -8.00 27.84 -6.91
C ASP A 159 -8.89 29.07 -6.94
N SER A 160 -10.16 28.85 -6.60
CA SER A 160 -11.20 29.88 -6.61
C SER A 160 -11.37 30.59 -5.26
N GLY A 161 -10.33 30.58 -4.43
CA GLY A 161 -10.31 31.35 -3.19
C GLY A 161 -11.16 30.91 -2.01
N ALA A 162 -11.57 29.64 -1.98
CA ALA A 162 -12.38 29.12 -0.88
C ALA A 162 -11.61 28.15 0.01
N PHE A 163 -12.11 27.96 1.23
CA PHE A 163 -11.57 26.93 2.11
C PHE A 163 -12.17 25.58 1.74
N LEU A 164 -11.36 24.54 1.83
CA LEU A 164 -11.80 23.17 1.60
C LEU A 164 -11.45 22.29 2.78
N LEU A 165 -12.44 21.59 3.30
CA LEU A 165 -12.23 20.75 4.46
C LEU A 165 -12.30 19.29 4.03
N GLU A 166 -11.32 18.51 4.39
CA GLU A 166 -11.37 17.08 4.13
C GLU A 166 -11.44 16.32 5.45
N VAL A 167 -12.31 15.31 5.51
CA VAL A 167 -12.57 14.59 6.74
C VAL A 167 -12.62 13.11 6.47
N ASP A 168 -11.90 12.32 7.27
CA ASP A 168 -12.06 10.86 7.21
C ASP A 168 -11.91 10.20 8.59
N PRO A 169 -12.99 9.60 9.09
CA PRO A 169 -13.05 8.97 10.41
C PRO A 169 -11.84 8.09 10.72
N ALA A 170 -11.32 8.22 11.94
CA ALA A 170 -10.12 7.52 12.35
C ALA A 170 -10.21 7.11 13.81
N TYR A 171 -9.52 6.02 14.16
CA TYR A 171 -9.56 5.49 15.52
C TYR A 171 -8.17 5.40 16.13
N ARG A 172 -8.10 5.46 17.45
CA ARG A 172 -6.85 5.23 18.19
C ARG A 172 -7.06 4.26 19.32
N ILE A 173 -6.27 3.19 19.33
CA ILE A 173 -6.35 2.18 20.38
C ILE A 173 -5.33 2.47 21.46
N LEU A 174 -5.81 2.61 22.69
CA LEU A 174 -4.92 2.88 23.84
C LEU A 174 -5.06 1.78 24.86
N CYS A 175 -3.95 1.18 25.27
CA CYS A 175 -3.96 0.28 26.41
C CYS A 175 -3.17 0.91 27.54
N GLU A 176 -3.76 0.96 28.72
CA GLU A 176 -3.15 1.70 29.81
C GLU A 176 -2.87 0.83 31.03
N MET A 177 -3.15 -0.45 30.92
CA MET A 177 -2.88 -1.40 32.00
C MET A 177 -1.46 -1.93 31.87
N SER A 178 -0.90 -2.44 32.95
CA SER A 178 0.44 -3.02 32.88
C SER A 178 0.34 -4.45 32.40
N LEU A 179 1.43 -4.99 31.87
CA LEU A 179 1.46 -6.39 31.49
C LEU A 179 1.08 -7.28 32.68
N GLU A 180 1.64 -7.00 33.86
CA GLU A 180 1.29 -7.76 35.05
C GLU A 180 -0.21 -7.89 35.23
N ALA A 181 -0.88 -6.75 35.28
CA ALA A 181 -2.32 -6.69 35.47
C ALA A 181 -3.07 -7.38 34.33
N TRP A 182 -2.68 -7.06 33.10
CA TRP A 182 -3.22 -7.72 31.93
C TRP A 182 -3.28 -9.23 32.15
N LEU A 183 -2.15 -9.86 32.44
CA LEU A 183 -2.10 -11.30 32.58
C LEU A 183 -2.84 -11.81 33.83
N ALA A 184 -2.88 -10.99 34.88
CA ALA A 184 -3.53 -11.38 36.12
C ALA A 184 -5.06 -11.37 35.96
N GLN A 185 -5.55 -10.59 35.02
CA GLN A 185 -6.97 -10.60 34.74
C GLN A 185 -7.32 -11.67 33.70
N GLY A 186 -6.39 -12.58 33.43
CA GLY A 186 -6.69 -13.77 32.65
C GLY A 186 -6.60 -13.66 31.15
N HIS A 187 -6.07 -12.53 30.66
CA HIS A 187 -5.88 -12.32 29.22
C HIS A 187 -4.64 -13.06 28.75
N PRO A 188 -4.51 -13.26 27.44
CA PRO A 188 -3.35 -13.94 26.81
C PRO A 188 -2.15 -13.02 26.60
N LEU A 189 -0.97 -13.60 26.42
CA LEU A 189 0.20 -12.80 26.12
C LEU A 189 0.02 -12.01 24.83
N PRO A 190 0.43 -10.74 24.82
CA PRO A 190 0.43 -9.92 23.61
C PRO A 190 1.73 -10.13 22.84
N LYS A 191 1.71 -10.06 21.52
CA LYS A 191 2.94 -10.25 20.76
C LYS A 191 3.93 -9.09 21.00
N ARG A 192 3.43 -7.86 21.13
CA ARG A 192 4.30 -6.72 21.41
C ARG A 192 3.94 -6.03 22.72
N VAL A 193 4.88 -5.23 23.21
CA VAL A 193 4.77 -4.69 24.57
C VAL A 193 5.61 -3.42 24.65
N ARG A 194 5.09 -2.40 25.33
CA ARG A 194 5.75 -1.09 25.37
C ARG A 194 6.31 -0.75 26.76
N ASN A 195 7.31 0.10 26.82
CA ASN A 195 7.81 0.56 28.11
C ASN A 195 6.75 1.41 28.80
N ALA A 196 6.65 1.31 30.12
CA ALA A 196 5.69 2.11 30.85
C ALA A 196 6.17 3.55 31.02
N TYR A 197 7.48 3.75 30.83
CA TYR A 197 8.11 5.06 31.10
C TYR A 197 8.56 5.81 29.85
N ASP A 198 8.38 5.19 28.68
CA ASP A 198 8.65 5.84 27.39
C ASP A 198 8.08 5.04 26.23
N ARG A 199 8.44 5.39 25.00
CA ARG A 199 7.80 4.80 23.84
C ARG A 199 8.44 3.50 23.35
N ARG A 200 9.67 3.24 23.78
CA ARG A 200 10.37 2.04 23.33
C ARG A 200 9.52 0.79 23.46
N THR A 201 9.24 0.13 22.34
CA THR A 201 8.41 -1.06 22.35
C THR A 201 9.11 -2.30 21.80
N TRP A 202 8.87 -3.44 22.45
CA TRP A 202 9.60 -4.67 22.18
C TRP A 202 8.66 -5.76 21.71
N GLU A 203 9.23 -6.88 21.27
CA GLU A 203 8.44 -8.08 21.09
C GLU A 203 8.61 -8.92 22.35
N LEU A 204 7.51 -9.46 22.86
CA LEU A 204 7.54 -10.22 24.08
C LEU A 204 7.78 -11.70 23.80
N LEU A 205 8.96 -12.19 24.20
CA LEU A 205 9.32 -13.59 23.99
C LEU A 205 8.57 -14.50 24.94
N ARG A 206 8.82 -14.35 26.25
CA ARG A 206 8.22 -15.23 27.24
C ARG A 206 8.36 -14.66 28.65
N LEU A 207 7.72 -15.31 29.62
CA LEU A 207 7.87 -14.94 31.02
C LEU A 207 9.03 -15.67 31.68
N GLY A 208 9.67 -14.99 32.62
CA GLY A 208 10.83 -15.53 33.29
C GLY A 208 10.49 -16.11 34.64
N GLU A 209 11.17 -17.21 34.96
CA GLU A 209 11.00 -17.89 36.24
C GLU A 209 11.92 -17.30 37.30
N GLU A 210 12.93 -16.55 36.85
CA GLU A 210 13.90 -15.92 37.73
C GLU A 210 13.30 -14.85 38.65
N ASP A 211 14.09 -14.39 39.61
CA ASP A 211 13.70 -13.36 40.56
C ASP A 211 14.37 -12.05 40.15
N PRO A 212 13.59 -10.97 40.04
CA PRO A 212 14.13 -9.63 39.71
C PRO A 212 15.32 -9.23 40.57
N LYS A 213 15.21 -9.43 41.89
CA LYS A 213 16.25 -9.05 42.84
C LYS A 213 17.48 -9.96 42.78
N GLU A 214 17.41 -11.01 41.97
CA GLU A 214 18.55 -11.92 41.77
C GLU A 214 19.11 -11.82 40.35
N LEU A 215 18.24 -11.52 39.39
CA LEU A 215 18.63 -11.43 37.98
C LEU A 215 19.75 -10.42 37.81
N PRO A 216 20.97 -10.90 37.58
CA PRO A 216 22.16 -10.03 37.56
C PRO A 216 22.25 -9.31 36.24
N LEU A 217 22.22 -7.98 36.29
CA LEU A 217 22.24 -7.21 35.05
C LEU A 217 23.66 -7.03 34.56
N PRO A 218 23.87 -7.40 33.29
CA PRO A 218 25.17 -7.33 32.64
C PRO A 218 25.99 -6.13 33.10
N GLY A 219 26.83 -6.36 34.11
CA GLY A 219 27.77 -5.36 34.59
C GLY A 219 27.22 -4.38 35.61
N GLY A 220 26.91 -4.87 36.81
CA GLY A 220 26.45 -3.99 37.86
C GLY A 220 25.55 -4.61 38.91
N LEU A 221 24.24 -4.46 38.72
CA LEU A 221 23.27 -4.73 39.78
C LEU A 221 22.03 -5.52 39.34
N SER A 222 21.07 -5.67 40.26
CA SER A 222 19.80 -6.38 40.03
C SER A 222 18.99 -5.81 38.88
N LEU A 223 18.20 -6.68 38.22
CA LEU A 223 17.22 -6.22 37.25
C LEU A 223 16.37 -5.17 37.95
N LEU A 224 15.94 -5.52 39.16
CA LEU A 224 15.08 -4.66 39.93
C LEU A 224 15.80 -3.37 40.34
N ASP A 225 17.00 -3.52 40.92
CA ASP A 225 17.75 -2.36 41.39
C ASP A 225 18.08 -1.38 40.27
N TYR A 226 18.35 -1.92 39.08
CA TYR A 226 18.55 -1.11 37.90
C TYR A 226 17.36 -0.19 37.70
N HIS A 227 16.20 -0.80 37.47
CA HIS A 227 14.98 -0.04 37.27
C HIS A 227 14.69 0.87 38.47
N ALA A 228 14.85 0.34 39.69
CA ALA A 228 14.67 1.15 40.88
C ALA A 228 15.52 2.42 40.80
N SER A 229 16.82 2.24 40.55
CA SER A 229 17.76 3.34 40.32
C SER A 229 17.15 4.52 39.58
N LYS A 230 16.58 4.26 38.40
CA LYS A 230 16.01 5.32 37.57
C LYS A 230 14.63 5.78 38.06
N GLY A 231 14.27 5.37 39.28
CA GLY A 231 13.04 5.79 39.93
C GLY A 231 11.76 5.34 39.27
N ARG A 232 11.77 4.13 38.70
CA ARG A 232 10.64 3.61 37.93
C ARG A 232 9.68 2.78 38.78
N LEU A 233 10.07 2.48 40.01
CA LEU A 233 9.22 1.69 40.89
C LEU A 233 8.31 2.52 41.78
N GLN A 234 8.42 3.85 41.66
CA GLN A 234 7.61 4.75 42.47
C GLN A 234 6.19 4.79 41.91
N GLY A 235 5.23 4.30 42.69
CA GLY A 235 3.84 4.28 42.24
C GLY A 235 3.63 3.17 41.22
N ARG A 236 4.49 2.18 41.29
CA ARG A 236 4.40 1.02 40.43
C ARG A 236 4.85 -0.19 41.22
N GLU A 237 4.65 -1.37 40.66
CA GLU A 237 5.07 -2.60 41.28
C GLU A 237 5.84 -3.36 40.24
N GLY A 238 7.14 -3.51 40.43
CA GLY A 238 7.92 -4.34 39.54
C GLY A 238 7.37 -5.74 39.63
N GLY A 239 6.85 -6.27 38.53
CA GLY A 239 6.15 -7.55 38.57
C GLY A 239 7.04 -8.77 38.54
N ARG A 240 6.85 -9.62 37.54
CA ARG A 240 7.73 -10.75 37.34
C ARG A 240 8.75 -10.43 36.25
N VAL A 241 9.53 -11.43 35.86
CA VAL A 241 10.52 -11.23 34.81
C VAL A 241 9.87 -11.49 33.47
N ALA A 242 10.11 -10.60 32.52
CA ALA A 242 9.59 -10.75 31.18
C ALA A 242 10.75 -10.69 30.25
N TRP A 243 10.88 -11.70 29.40
CA TRP A 243 11.95 -11.73 28.42
C TRP A 243 11.47 -11.14 27.09
N VAL A 244 12.10 -10.04 26.69
CA VAL A 244 11.70 -9.33 25.48
C VAL A 244 12.86 -9.26 24.50
N ALA A 245 12.58 -8.79 23.30
CA ALA A 245 13.60 -8.67 22.27
C ALA A 245 13.36 -7.48 21.36
N ASP A 246 14.45 -6.79 21.00
CA ASP A 246 14.38 -5.70 20.02
C ASP A 246 13.91 -6.25 18.68
N PRO A 247 12.74 -5.77 18.21
CA PRO A 247 12.03 -6.31 17.05
C PRO A 247 12.90 -6.37 15.79
N LYS A 248 13.93 -5.53 15.74
CA LYS A 248 14.85 -5.50 14.61
C LYS A 248 15.71 -6.78 14.55
N ASP A 249 15.91 -7.42 15.70
CA ASP A 249 16.65 -8.69 15.79
C ASP A 249 16.16 -9.54 16.96
N PRO A 250 14.95 -10.11 16.82
CA PRO A 250 14.23 -10.84 17.88
C PRO A 250 14.94 -12.11 18.34
N ARG A 251 16.27 -12.05 18.39
CA ARG A 251 17.09 -13.14 18.88
C ARG A 251 17.48 -12.87 20.33
N LYS A 252 18.60 -12.17 20.51
CA LYS A 252 19.13 -11.85 21.84
C LYS A 252 18.04 -11.38 22.81
N PRO A 253 17.61 -12.26 23.73
CA PRO A 253 16.60 -11.93 24.73
C PRO A 253 17.11 -10.90 25.73
N ILE A 254 16.20 -10.10 26.27
CA ILE A 254 16.54 -9.03 27.19
C ILE A 254 15.65 -9.10 28.42
N PRO A 255 16.23 -8.86 29.61
CA PRO A 255 15.47 -8.90 30.84
C PRO A 255 14.58 -7.66 31.02
N HIS A 256 13.37 -7.87 31.49
CA HIS A 256 12.45 -6.77 31.77
C HIS A 256 11.49 -7.17 32.88
N LEU A 257 10.77 -6.19 33.42
CA LEU A 257 9.78 -6.42 34.46
C LEU A 257 8.34 -6.23 33.94
N THR A 258 7.47 -7.20 34.20
CA THR A 258 6.09 -7.12 33.70
C THR A 258 5.31 -5.99 34.36
N GLY A 259 5.81 -5.51 35.49
CA GLY A 259 5.24 -4.34 36.14
C GLY A 259 5.57 -3.05 35.44
N LEU A 260 6.51 -3.10 34.50
CA LEU A 260 6.99 -1.91 33.81
C LEU A 260 6.79 -2.00 32.29
N LEU A 261 6.08 -3.04 31.87
CA LEU A 261 5.69 -3.14 30.47
C LEU A 261 4.19 -2.95 30.31
N VAL A 262 3.80 -2.39 29.18
CA VAL A 262 2.41 -2.19 28.85
C VAL A 262 2.13 -2.89 27.55
N PRO A 263 1.05 -3.68 27.48
CA PRO A 263 0.74 -4.39 26.24
C PRO A 263 0.38 -3.43 25.10
N VAL A 264 0.77 -3.75 23.88
CA VAL A 264 0.25 -3.04 22.70
C VAL A 264 -0.78 -3.96 22.04
N LEU A 265 -2.02 -3.48 22.01
CA LEU A 265 -3.14 -4.34 21.66
C LEU A 265 -3.49 -4.23 20.20
N THR A 266 -4.13 -5.27 19.68
CA THR A 266 -4.58 -5.33 18.32
C THR A 266 -6.11 -5.49 18.31
N LEU A 267 -6.76 -5.12 17.22
CA LEU A 267 -8.23 -5.19 17.15
C LEU A 267 -8.80 -6.55 17.57
N GLU A 268 -8.02 -7.61 17.43
CA GLU A 268 -8.51 -8.94 17.78
C GLU A 268 -8.42 -9.23 19.27
N ASP A 269 -7.40 -8.66 19.93
CA ASP A 269 -7.30 -8.72 21.39
C ASP A 269 -8.48 -8.01 22.05
N LEU A 270 -9.09 -7.09 21.32
CA LEU A 270 -10.25 -6.36 21.80
C LEU A 270 -11.56 -7.03 21.37
N HIS A 271 -11.56 -7.66 20.19
CA HIS A 271 -12.75 -8.39 19.73
C HIS A 271 -12.95 -9.64 20.58
N GLU A 272 -11.90 -9.98 21.34
CA GLU A 272 -11.93 -11.07 22.31
C GLU A 272 -12.68 -10.61 23.55
N GLU A 273 -12.40 -9.37 23.96
CA GLU A 273 -13.09 -8.76 25.09
C GLU A 273 -14.48 -8.23 24.71
N GLU A 274 -14.52 -7.00 24.19
CA GLU A 274 -15.76 -6.37 23.76
C GLU A 274 -16.55 -7.25 22.79
N GLY A 275 -15.86 -7.82 21.80
CA GLY A 275 -16.49 -8.71 20.84
C GLY A 275 -17.47 -7.97 19.95
N SER A 276 -17.38 -8.22 18.64
CA SER A 276 -18.20 -7.51 17.66
C SER A 276 -17.80 -6.03 17.58
N LEU A 277 -16.54 -5.74 17.88
CA LEU A 277 -16.00 -4.40 17.73
C LEU A 277 -15.05 -4.36 16.54
N ALA A 278 -15.39 -3.56 15.55
CA ALA A 278 -14.53 -3.42 14.38
C ALA A 278 -14.27 -1.95 14.07
N LEU A 279 -13.08 -1.70 13.53
CA LEU A 279 -12.57 -0.35 13.30
C LEU A 279 -12.76 0.13 11.87
N SER A 280 -12.99 -0.80 10.96
CA SER A 280 -13.43 -0.44 9.63
C SER A 280 -14.93 -0.18 9.70
N LEU A 281 -15.44 0.63 8.76
CA LEU A 281 -16.86 0.96 8.77
C LEU A 281 -17.50 0.61 7.43
N PRO A 282 -18.76 0.16 7.48
CA PRO A 282 -19.62 0.08 6.30
C PRO A 282 -19.72 1.47 5.67
N TRP A 283 -19.74 1.58 4.35
CA TRP A 283 -19.63 2.91 3.76
C TRP A 283 -20.68 3.90 4.26
N GLU A 284 -21.84 3.40 4.66
CA GLU A 284 -22.92 4.28 5.06
C GLU A 284 -22.70 4.85 6.46
N GLU A 285 -22.05 4.07 7.31
CA GLU A 285 -21.67 4.53 8.64
C GLU A 285 -20.53 5.54 8.54
N ARG A 286 -19.59 5.30 7.63
CA ARG A 286 -18.51 6.26 7.42
C ARG A 286 -19.03 7.57 6.86
N ARG A 287 -19.86 7.49 5.82
CA ARG A 287 -20.49 8.68 5.27
C ARG A 287 -21.18 9.49 6.37
N ARG A 288 -21.97 8.81 7.20
CA ARG A 288 -22.66 9.46 8.31
C ARG A 288 -21.69 10.18 9.26
N ARG A 289 -20.68 9.45 9.73
CA ARG A 289 -19.69 10.03 10.63
C ARG A 289 -18.86 11.16 10.01
N THR A 290 -18.49 11.02 8.74
CA THR A 290 -17.80 12.10 8.03
C THR A 290 -18.61 13.38 8.10
N ARG A 291 -19.91 13.28 7.84
CA ARG A 291 -20.79 14.45 7.84
C ARG A 291 -20.90 15.07 9.24
N GLU A 292 -21.08 14.20 10.24
CA GLU A 292 -21.09 14.64 11.63
C GLU A 292 -19.83 15.41 12.00
N ILE A 293 -18.66 14.80 11.78
CA ILE A 293 -17.37 15.42 12.11
C ILE A 293 -17.16 16.77 11.44
N ALA A 294 -17.45 16.84 10.13
CA ALA A 294 -17.32 18.10 9.41
C ALA A 294 -18.16 19.19 10.06
N SER A 295 -19.34 18.81 10.52
CA SER A 295 -20.26 19.77 11.10
C SER A 295 -19.77 20.20 12.47
N TRP A 296 -19.20 19.24 13.19
CA TRP A 296 -18.60 19.48 14.50
C TRP A 296 -17.49 20.51 14.44
N ILE A 297 -16.61 20.36 13.45
CA ILE A 297 -15.48 21.27 13.29
C ILE A 297 -15.90 22.61 12.73
N GLY A 298 -16.78 22.58 11.74
CA GLY A 298 -17.26 23.82 11.15
C GLY A 298 -17.76 24.75 12.23
N ARG A 299 -18.33 24.16 13.28
CA ARG A 299 -18.92 24.90 14.36
C ARG A 299 -17.89 25.47 15.35
N ARG A 300 -16.70 24.88 15.36
CA ARG A 300 -15.59 25.38 16.18
C ARG A 300 -14.63 26.26 15.37
N LEU A 301 -15.02 26.64 14.16
CA LEU A 301 -14.06 27.23 13.24
C LEU A 301 -14.48 28.53 12.58
N GLY A 302 -15.78 28.79 12.51
CA GLY A 302 -16.25 30.02 11.89
C GLY A 302 -15.65 30.22 10.51
N LEU A 303 -15.81 29.22 9.65
CA LEU A 303 -15.43 29.33 8.26
C LEU A 303 -16.65 28.99 7.42
N GLY A 304 -17.82 29.16 8.02
CA GLY A 304 -19.07 28.89 7.34
C GLY A 304 -19.60 27.52 7.70
N THR A 305 -20.70 27.14 7.05
CA THR A 305 -21.25 25.81 7.23
C THR A 305 -20.72 24.91 6.13
N PRO A 306 -20.11 23.79 6.52
CA PRO A 306 -19.50 22.94 5.51
C PRO A 306 -20.57 22.39 4.58
N GLU A 307 -20.36 22.54 3.28
CA GLU A 307 -21.30 22.04 2.30
C GLU A 307 -20.64 20.90 1.56
N ALA A 308 -21.07 19.69 1.85
CA ALA A 308 -20.46 18.51 1.24
C ALA A 308 -20.43 18.68 -0.28
N VAL A 309 -19.23 18.60 -0.86
CA VAL A 309 -19.07 18.66 -2.31
C VAL A 309 -19.45 17.34 -2.97
N ARG A 310 -20.14 17.44 -4.12
CA ARG A 310 -20.59 16.27 -4.85
C ARG A 310 -20.08 16.26 -6.28
N ALA A 311 -20.02 15.07 -6.87
CA ALA A 311 -19.53 14.91 -8.22
C ALA A 311 -20.42 13.94 -9.02
N GLN A 312 -20.32 14.01 -10.34
CA GLN A 312 -21.04 13.11 -11.22
C GLN A 312 -20.23 11.85 -11.44
N ALA A 313 -20.77 10.72 -11.02
CA ALA A 313 -20.12 9.43 -11.27
C ALA A 313 -20.84 8.65 -12.37
N TYR A 314 -20.18 7.63 -12.91
CA TYR A 314 -20.75 6.81 -13.98
C TYR A 314 -20.49 5.35 -13.68
N ARG A 315 -21.50 4.50 -13.87
CA ARG A 315 -21.32 3.06 -13.73
C ARG A 315 -20.73 2.48 -15.02
N LEU A 316 -19.52 1.94 -14.95
CA LEU A 316 -18.86 1.37 -16.12
C LEU A 316 -19.44 0.01 -16.40
N SER A 317 -19.38 -0.40 -17.66
CA SER A 317 -19.85 -1.72 -18.03
C SER A 317 -19.06 -2.81 -17.29
N ILE A 318 -19.76 -3.85 -16.87
CA ILE A 318 -19.14 -5.04 -16.31
C ILE A 318 -18.30 -5.77 -17.36
N PRO A 319 -17.09 -6.16 -17.00
CA PRO A 319 -16.15 -6.96 -17.80
C PRO A 319 -16.67 -8.37 -18.08
N LYS A 320 -16.56 -8.84 -19.33
CA LYS A 320 -16.91 -10.22 -19.65
C LYS A 320 -15.66 -11.10 -19.57
N LEU A 321 -15.52 -11.85 -18.49
CA LEU A 321 -14.33 -12.67 -18.28
C LEU A 321 -14.51 -14.00 -19.01
N MET A 322 -13.44 -14.47 -19.65
CA MET A 322 -13.50 -15.71 -20.42
C MET A 322 -12.47 -16.76 -19.99
N GLY A 323 -12.96 -17.96 -19.73
CA GLY A 323 -12.09 -19.12 -19.57
C GLY A 323 -12.22 -19.83 -20.90
N ARG A 324 -12.30 -21.15 -20.90
CA ARG A 324 -12.73 -21.84 -22.12
C ARG A 324 -14.14 -21.38 -22.49
N ARG A 325 -14.95 -21.14 -21.47
CA ARG A 325 -16.28 -20.59 -21.63
C ARG A 325 -16.45 -19.44 -20.62
N ALA A 326 -17.44 -18.58 -20.83
CA ALA A 326 -17.73 -17.52 -19.89
C ALA A 326 -17.63 -17.95 -18.42
N VAL A 327 -16.90 -17.16 -17.65
CA VAL A 327 -16.56 -17.46 -16.28
C VAL A 327 -16.84 -16.16 -15.51
N SER A 328 -17.03 -16.21 -14.20
CA SER A 328 -17.29 -14.96 -13.47
C SER A 328 -16.14 -14.57 -12.53
N LYS A 329 -15.31 -15.56 -12.21
CA LYS A 329 -14.08 -15.35 -11.48
C LYS A 329 -13.11 -16.42 -11.96
N PRO A 330 -11.80 -16.16 -11.84
CA PRO A 330 -10.79 -17.07 -12.42
C PRO A 330 -10.81 -18.52 -11.91
N ALA A 331 -11.37 -18.77 -10.73
CA ALA A 331 -11.38 -20.13 -10.20
C ALA A 331 -12.37 -21.01 -10.98
N ASP A 332 -13.39 -20.36 -11.55
CA ASP A 332 -14.40 -21.10 -12.30
C ASP A 332 -13.82 -21.74 -13.54
N ALA A 333 -12.71 -21.19 -14.03
CA ALA A 333 -11.98 -21.78 -15.14
C ALA A 333 -11.51 -23.18 -14.80
N LEU A 334 -11.33 -23.45 -13.51
CA LEU A 334 -10.94 -24.78 -13.04
C LEU A 334 -12.04 -25.82 -13.32
N ARG A 335 -13.24 -25.35 -13.58
CA ARG A 335 -14.38 -26.23 -13.79
C ARG A 335 -14.77 -26.25 -15.25
N VAL A 336 -14.59 -25.12 -15.91
CA VAL A 336 -15.03 -24.93 -17.28
C VAL A 336 -13.91 -25.21 -18.29
N GLY A 337 -12.66 -25.11 -17.83
CA GLY A 337 -11.51 -25.18 -18.72
C GLY A 337 -10.88 -23.81 -18.89
N PHE A 338 -9.60 -23.81 -19.24
CA PHE A 338 -8.88 -22.57 -19.41
C PHE A 338 -9.07 -21.91 -20.79
N TYR A 339 -8.73 -20.63 -20.86
CA TYR A 339 -8.87 -19.84 -22.07
C TYR A 339 -8.04 -20.45 -23.19
N ARG A 340 -6.79 -20.79 -22.86
CA ARG A 340 -5.92 -21.46 -23.80
C ARG A 340 -4.95 -22.33 -23.02
N ALA A 341 -5.17 -23.64 -23.07
CA ALA A 341 -4.27 -24.57 -22.39
C ALA A 341 -3.44 -25.36 -23.38
N GLN A 342 -2.14 -25.41 -23.15
CA GLN A 342 -1.26 -26.21 -23.97
C GLN A 342 -1.10 -27.57 -23.31
N GLU A 343 -0.16 -28.34 -23.84
CA GLU A 343 0.26 -29.57 -23.21
C GLU A 343 1.14 -29.14 -22.06
N THR A 344 0.93 -29.72 -20.89
CA THR A 344 1.72 -29.31 -19.73
C THR A 344 2.12 -30.46 -18.80
N ALA A 345 3.20 -30.26 -18.07
CA ALA A 345 3.71 -31.26 -17.15
C ALA A 345 4.09 -30.60 -15.83
N LEU A 346 3.51 -31.10 -14.75
CA LEU A 346 3.77 -30.56 -13.42
C LEU A 346 4.47 -31.61 -12.56
N ALA A 347 5.26 -31.17 -11.59
CA ALA A 347 5.90 -32.11 -10.68
C ALA A 347 5.55 -31.82 -9.23
N LEU A 348 5.67 -32.84 -8.37
CA LEU A 348 5.36 -32.68 -6.96
C LEU A 348 6.59 -32.89 -6.10
N LEU A 349 6.81 -31.98 -5.16
CA LEU A 349 7.85 -32.17 -4.15
C LEU A 349 7.17 -32.15 -2.77
N ARG A 350 7.09 -33.30 -2.13
CA ARG A 350 6.41 -33.41 -0.87
C ARG A 350 7.43 -33.44 0.26
N LEU A 351 7.23 -32.57 1.25
CA LEU A 351 8.23 -32.38 2.31
C LEU A 351 7.65 -32.58 3.70
N ASP A 352 6.47 -33.20 3.78
CA ASP A 352 6.00 -33.77 5.02
C ASP A 352 6.56 -35.19 5.00
N GLY A 353 6.20 -36.03 5.96
CA GLY A 353 6.77 -37.37 5.93
C GLY A 353 6.18 -38.23 4.84
N ALA A 354 5.16 -37.73 4.15
CA ALA A 354 4.29 -38.55 3.33
C ALA A 354 4.74 -38.65 1.88
N GLN A 355 3.95 -39.32 1.04
CA GLN A 355 4.36 -39.59 -0.33
C GLN A 355 3.21 -39.55 -1.32
N GLY A 356 3.46 -39.00 -2.51
CA GLY A 356 2.49 -39.02 -3.59
C GLY A 356 1.52 -37.85 -3.65
N TRP A 357 0.86 -37.71 -4.80
CA TRP A 357 -0.11 -36.64 -5.03
C TRP A 357 -1.38 -36.90 -4.24
N PRO A 358 -1.82 -35.94 -3.41
CA PRO A 358 -3.16 -36.11 -2.83
C PRO A 358 -4.20 -36.27 -3.94
N GLU A 359 -5.00 -37.33 -3.83
CA GLU A 359 -5.90 -37.68 -4.92
C GLU A 359 -6.82 -36.53 -5.37
N PHE A 360 -7.26 -35.67 -4.45
CA PHE A 360 -8.21 -34.65 -4.83
C PHE A 360 -7.61 -33.53 -5.71
N LEU A 361 -6.35 -33.22 -5.44
CA LEU A 361 -5.61 -32.29 -6.28
C LEU A 361 -5.42 -32.89 -7.66
N ARG A 362 -4.90 -34.11 -7.69
CA ARG A 362 -4.76 -34.87 -8.94
C ARG A 362 -6.04 -34.85 -9.79
N ARG A 363 -7.18 -35.16 -9.17
CA ARG A 363 -8.45 -35.22 -9.88
C ARG A 363 -8.87 -33.83 -10.31
N ALA A 364 -8.59 -32.84 -9.47
CA ALA A 364 -8.99 -31.47 -9.77
C ALA A 364 -8.28 -31.01 -11.02
N LEU A 365 -6.99 -31.34 -11.09
CA LEU A 365 -6.14 -31.01 -12.21
C LEU A 365 -6.60 -31.74 -13.46
N LEU A 366 -6.82 -33.05 -13.31
CA LEU A 366 -7.29 -33.88 -14.42
C LEU A 366 -8.63 -33.40 -15.00
N ARG A 367 -9.55 -33.00 -14.11
CA ARG A 367 -10.82 -32.42 -14.53
C ARG A 367 -10.62 -31.11 -15.29
N ALA A 368 -9.74 -30.26 -14.78
CA ALA A 368 -9.51 -28.95 -15.37
C ALA A 368 -8.93 -29.06 -16.79
N PHE A 369 -7.95 -29.93 -16.96
CA PHE A 369 -7.40 -30.21 -18.28
C PHE A 369 -8.40 -30.95 -19.15
N GLY A 370 -9.22 -31.79 -18.52
CA GLY A 370 -10.30 -32.46 -19.20
C GLY A 370 -11.20 -31.47 -19.93
N ALA A 371 -11.76 -30.52 -19.18
CA ALA A 371 -12.68 -29.53 -19.75
C ALA A 371 -12.04 -28.75 -20.89
N SER A 372 -10.72 -28.71 -20.87
CA SER A 372 -9.96 -27.83 -21.77
C SER A 372 -9.48 -28.59 -23.00
N GLY A 373 -9.58 -29.92 -22.94
CA GLY A 373 -9.11 -30.78 -24.00
C GLY A 373 -7.62 -30.71 -24.18
N ALA A 374 -6.89 -30.85 -23.07
CA ALA A 374 -5.43 -30.73 -23.08
C ALA A 374 -4.78 -31.89 -22.31
N SER A 375 -3.54 -32.20 -22.65
CA SER A 375 -2.86 -33.29 -21.95
C SER A 375 -2.15 -32.81 -20.70
N LEU A 376 -2.15 -33.65 -19.68
CA LEU A 376 -1.51 -33.36 -18.41
C LEU A 376 -0.70 -34.56 -17.98
N ARG A 377 0.55 -34.32 -17.60
CA ARG A 377 1.40 -35.40 -17.09
C ARG A 377 1.97 -35.06 -15.71
N LEU A 378 1.44 -35.68 -14.65
CA LEU A 378 1.92 -35.39 -13.31
C LEU A 378 3.19 -36.18 -12.99
N HIS A 379 4.19 -35.51 -12.45
CA HIS A 379 5.45 -36.16 -12.05
C HIS A 379 5.65 -36.01 -10.56
N THR A 380 6.62 -36.73 -10.03
CA THR A 380 6.92 -36.68 -8.60
C THR A 380 8.40 -36.68 -8.34
N LEU A 381 8.91 -35.61 -7.76
CA LEU A 381 10.33 -35.56 -7.44
C LEU A 381 10.62 -36.49 -6.27
N HIS A 382 11.48 -37.46 -6.48
CA HIS A 382 11.89 -38.34 -5.41
C HIS A 382 13.24 -37.93 -4.82
N ALA A 383 13.35 -36.65 -4.43
CA ALA A 383 14.57 -36.15 -3.83
C ALA A 383 14.23 -35.09 -2.80
N HIS A 384 15.11 -34.90 -1.82
CA HIS A 384 14.87 -33.96 -0.76
C HIS A 384 15.84 -32.78 -0.86
N PRO A 385 15.35 -31.58 -0.57
CA PRO A 385 16.21 -30.40 -0.53
C PRO A 385 17.49 -30.66 0.29
N SER A 386 17.41 -31.53 1.29
CA SER A 386 18.50 -31.76 2.24
C SER A 386 19.61 -32.67 1.71
N GLN A 387 19.42 -33.24 0.52
CA GLN A 387 20.44 -34.07 -0.10
C GLN A 387 21.52 -33.22 -0.76
N GLY A 388 21.62 -31.96 -0.33
CA GLY A 388 22.61 -31.01 -0.81
C GLY A 388 22.62 -30.83 -2.32
N LEU A 389 23.82 -30.91 -2.91
CA LEU A 389 24.00 -30.76 -4.36
C LEU A 389 23.34 -31.87 -5.18
N ALA A 390 23.29 -33.09 -4.64
CA ALA A 390 22.71 -34.24 -5.34
C ALA A 390 21.24 -34.03 -5.66
N PHE A 391 20.61 -33.11 -4.94
CA PHE A 391 19.22 -32.73 -5.18
C PHE A 391 19.08 -32.12 -6.56
N ARG A 392 20.05 -31.27 -6.92
CA ARG A 392 20.02 -30.55 -8.20
C ARG A 392 19.93 -31.48 -9.41
N GLU A 393 20.56 -32.66 -9.31
CA GLU A 393 20.57 -33.61 -10.40
C GLU A 393 19.17 -34.16 -10.65
N ALA A 394 18.39 -34.22 -9.57
CA ALA A 394 17.03 -34.73 -9.67
C ALA A 394 16.09 -33.70 -10.30
N LEU A 395 16.39 -32.42 -10.07
CA LEU A 395 15.64 -31.30 -10.63
C LEU A 395 15.93 -31.12 -12.11
N ARG A 396 17.21 -31.20 -12.45
CA ARG A 396 17.62 -31.10 -13.85
C ARG A 396 16.98 -32.24 -14.64
N LYS A 397 17.02 -33.45 -14.07
CA LYS A 397 16.37 -34.58 -14.69
C LYS A 397 14.91 -34.28 -15.00
N ALA A 398 14.23 -33.64 -14.06
CA ALA A 398 12.81 -33.34 -14.18
C ALA A 398 12.50 -32.26 -15.21
N LYS A 399 13.35 -31.25 -15.32
CA LYS A 399 13.17 -30.24 -16.36
C LYS A 399 13.52 -30.83 -17.73
N GLU A 400 14.45 -31.78 -17.74
CA GLU A 400 14.82 -32.46 -18.98
C GLU A 400 13.77 -33.51 -19.38
N GLU A 401 12.59 -33.44 -18.77
CA GLU A 401 11.48 -34.33 -19.13
C GLU A 401 10.22 -33.54 -19.42
N GLY A 402 10.33 -32.21 -19.43
CA GLY A 402 9.22 -31.36 -19.80
C GLY A 402 8.42 -30.78 -18.65
N VAL A 403 8.94 -30.90 -17.44
CA VAL A 403 8.29 -30.32 -16.26
C VAL A 403 8.41 -28.79 -16.23
N GLN A 404 7.28 -28.10 -16.10
CA GLN A 404 7.23 -26.65 -16.25
C GLN A 404 7.13 -25.88 -14.94
N ALA A 405 6.76 -26.58 -13.87
CA ALA A 405 6.61 -25.96 -12.55
C ALA A 405 6.42 -27.08 -11.53
N VAL A 406 6.72 -26.82 -10.27
CA VAL A 406 6.47 -27.83 -9.25
C VAL A 406 5.56 -27.32 -8.13
N LEU A 407 4.73 -28.22 -7.62
CA LEU A 407 3.92 -27.96 -6.44
C LEU A 407 4.72 -28.44 -5.25
N VAL A 408 4.91 -27.57 -4.27
CA VAL A 408 5.63 -27.97 -3.07
C VAL A 408 4.64 -28.13 -1.92
N LEU A 409 4.41 -29.39 -1.53
CA LEU A 409 3.59 -29.73 -0.38
C LEU A 409 4.44 -29.75 0.87
N THR A 410 4.19 -28.84 1.80
CA THR A 410 5.11 -28.72 2.92
C THR A 410 4.46 -28.12 4.16
N PRO A 411 4.95 -28.54 5.34
CA PRO A 411 4.68 -27.80 6.57
C PRO A 411 5.06 -26.34 6.35
N PRO A 412 4.49 -25.42 7.12
CA PRO A 412 4.89 -24.01 7.02
C PRO A 412 6.41 -23.85 7.11
N MET A 413 7.00 -23.15 6.14
CA MET A 413 8.44 -22.92 6.13
C MET A 413 8.76 -21.52 6.62
N ALA A 414 9.86 -21.42 7.35
CA ALA A 414 10.36 -20.13 7.75
C ALA A 414 10.69 -19.35 6.50
N TRP A 415 10.45 -18.05 6.54
CA TRP A 415 10.72 -17.17 5.42
C TRP A 415 12.10 -17.42 4.75
N GLU A 416 13.16 -17.52 5.55
CA GLU A 416 14.48 -17.84 5.00
C GLU A 416 14.48 -19.09 4.12
N ASP A 417 13.83 -20.15 4.59
CA ASP A 417 13.87 -21.44 3.91
C ASP A 417 12.95 -21.48 2.69
N ARG A 418 11.84 -20.75 2.79
CA ARG A 418 10.94 -20.54 1.67
C ARG A 418 11.71 -19.93 0.49
N ASN A 419 12.43 -18.83 0.73
CA ASN A 419 13.23 -18.20 -0.31
C ASN A 419 14.36 -19.12 -0.79
N ARG A 420 15.06 -19.73 0.15
CA ARG A 420 16.13 -20.64 -0.18
C ARG A 420 15.66 -21.66 -1.22
N LEU A 421 14.48 -22.22 -0.99
CA LEU A 421 13.89 -23.26 -1.84
C LEU A 421 13.41 -22.73 -3.19
N LYS A 422 12.63 -21.65 -3.17
CA LYS A 422 12.18 -21.01 -4.41
C LYS A 422 13.39 -20.84 -5.32
N ALA A 423 14.42 -20.19 -4.78
CA ALA A 423 15.65 -19.93 -5.50
C ALA A 423 16.20 -21.23 -6.08
N LEU A 424 16.42 -22.18 -5.19
CA LEU A 424 16.95 -23.49 -5.53
C LEU A 424 16.29 -24.13 -6.76
N LEU A 425 14.97 -24.03 -6.86
CA LEU A 425 14.25 -24.62 -7.98
C LEU A 425 14.31 -23.70 -9.18
N LEU A 426 14.50 -22.42 -8.91
CA LEU A 426 14.55 -21.43 -9.96
C LEU A 426 15.83 -21.59 -10.80
N ARG A 427 16.94 -21.92 -10.14
CA ARG A 427 18.20 -22.22 -10.82
C ARG A 427 17.99 -23.16 -12.00
N GLU A 428 17.11 -24.14 -11.83
CA GLU A 428 16.84 -25.12 -12.88
C GLU A 428 15.62 -24.72 -13.69
N GLY A 429 15.30 -23.44 -13.66
CA GLY A 429 14.22 -22.90 -14.46
C GLY A 429 12.86 -23.49 -14.13
N LEU A 430 12.70 -23.89 -12.85
CA LEU A 430 11.45 -24.46 -12.37
C LEU A 430 10.73 -23.55 -11.39
N PRO A 431 9.76 -22.75 -11.90
CA PRO A 431 8.92 -21.95 -11.03
C PRO A 431 8.18 -22.85 -10.04
N SER A 432 7.98 -22.41 -8.80
CA SER A 432 7.30 -23.24 -7.82
C SER A 432 6.13 -22.55 -7.10
N GLN A 433 5.05 -23.31 -6.90
CA GLN A 433 3.95 -22.93 -6.02
C GLN A 433 3.99 -23.74 -4.72
N ILE A 434 3.91 -23.05 -3.59
CA ILE A 434 3.88 -23.75 -2.30
C ILE A 434 2.44 -23.93 -1.79
N LEU A 435 2.18 -25.10 -1.22
CA LEU A 435 0.90 -25.39 -0.58
C LEU A 435 1.16 -26.03 0.80
N ASN A 436 0.78 -25.30 1.84
CA ASN A 436 1.01 -25.73 3.22
C ASN A 436 0.20 -26.95 3.58
N VAL A 437 0.75 -27.84 4.39
CA VAL A 437 0.35 -29.24 4.29
C VAL A 437 -0.63 -29.78 5.29
N PRO A 438 -0.77 -29.14 6.47
CA PRO A 438 -1.98 -29.66 7.12
C PRO A 438 -3.11 -29.20 6.19
N LEU A 439 -3.52 -30.08 5.28
CA LEU A 439 -4.40 -29.71 4.18
C LEU A 439 -5.53 -30.71 3.98
N ARG A 440 -6.73 -30.19 3.81
CA ARG A 440 -7.92 -30.99 3.72
C ARG A 440 -8.76 -30.54 2.54
N GLU A 441 -9.41 -31.49 1.88
CA GLU A 441 -10.15 -31.22 0.65
C GLU A 441 -11.21 -30.14 0.81
N GLU A 442 -11.71 -29.92 2.03
CA GLU A 442 -12.74 -28.89 2.18
C GLU A 442 -12.15 -27.48 2.25
N GLU A 443 -10.87 -27.39 2.60
CA GLU A 443 -10.11 -26.14 2.53
C GLU A 443 -9.93 -25.73 1.05
N ARG A 444 -11.05 -25.60 0.34
CA ARG A 444 -11.11 -25.50 -1.11
C ARG A 444 -10.55 -24.20 -1.72
N HIS A 445 -10.90 -23.07 -1.15
CA HIS A 445 -10.41 -21.78 -1.64
C HIS A 445 -8.88 -21.65 -1.54
N ARG A 446 -8.28 -22.34 -0.59
CA ARG A 446 -6.85 -22.32 -0.45
C ARG A 446 -6.16 -23.18 -1.53
N TRP A 447 -6.47 -24.47 -1.61
CA TRP A 447 -5.79 -25.30 -2.61
C TRP A 447 -6.18 -24.98 -4.07
N GLU A 448 -7.37 -24.42 -4.28
CA GLU A 448 -7.75 -24.02 -5.63
C GLU A 448 -6.97 -22.81 -6.08
N ASN A 449 -6.61 -21.96 -5.12
CA ASN A 449 -5.77 -20.82 -5.43
C ASN A 449 -4.34 -21.26 -5.69
N ALA A 450 -3.86 -22.21 -4.92
CA ALA A 450 -2.54 -22.76 -5.11
C ALA A 450 -2.46 -23.39 -6.50
N LEU A 451 -3.57 -23.96 -6.95
CA LEU A 451 -3.64 -24.59 -8.26
C LEU A 451 -3.61 -23.55 -9.37
N LEU A 452 -4.43 -22.52 -9.23
CA LEU A 452 -4.41 -21.39 -10.16
C LEU A 452 -3.02 -20.78 -10.31
N GLY A 453 -2.24 -20.81 -9.23
CA GLY A 453 -0.90 -20.27 -9.23
C GLY A 453 0.08 -21.21 -9.86
N LEU A 454 -0.03 -22.50 -9.54
CA LEU A 454 0.81 -23.50 -10.18
C LEU A 454 0.66 -23.46 -11.70
N LEU A 455 -0.51 -23.03 -12.18
CA LEU A 455 -0.75 -23.06 -13.62
C LEU A 455 -0.20 -21.83 -14.32
N ALA A 456 -0.43 -20.67 -13.72
CA ALA A 456 0.21 -19.44 -14.16
C ALA A 456 1.72 -19.61 -14.16
N LYS A 457 2.24 -20.30 -13.13
CA LYS A 457 3.66 -20.50 -13.04
C LYS A 457 4.19 -21.47 -14.10
N ALA A 458 3.30 -22.27 -14.67
CA ALA A 458 3.66 -23.21 -15.74
C ALA A 458 3.44 -22.58 -17.13
N GLY A 459 2.77 -21.45 -17.17
CA GLY A 459 2.66 -20.66 -18.39
C GLY A 459 1.29 -20.67 -19.02
N LEU A 460 0.38 -21.43 -18.41
CA LEU A 460 -1.01 -21.48 -18.88
C LEU A 460 -1.69 -20.11 -18.78
N GLN A 461 -2.49 -19.77 -19.78
CA GLN A 461 -3.38 -18.63 -19.68
C GLN A 461 -4.72 -19.15 -19.20
N VAL A 462 -5.13 -18.74 -18.00
CA VAL A 462 -6.36 -19.26 -17.43
C VAL A 462 -7.59 -18.46 -17.84
N VAL A 463 -7.49 -17.14 -17.87
CA VAL A 463 -8.62 -16.33 -18.32
C VAL A 463 -8.15 -15.21 -19.23
N ALA A 464 -9.06 -14.72 -20.06
CA ALA A 464 -8.79 -13.53 -20.87
C ALA A 464 -10.05 -12.67 -20.94
N LEU A 465 -9.96 -11.49 -21.52
CA LEU A 465 -11.15 -10.66 -21.63
C LEU A 465 -11.83 -10.87 -22.98
N SER A 466 -13.13 -10.58 -23.02
CA SER A 466 -13.87 -10.51 -24.27
C SER A 466 -14.26 -9.05 -24.38
N GLY A 467 -13.82 -8.39 -25.45
CA GLY A 467 -14.12 -6.98 -25.60
C GLY A 467 -13.19 -6.22 -26.53
N ALA A 468 -13.59 -5.00 -26.87
CA ALA A 468 -12.80 -4.15 -27.75
C ALA A 468 -12.24 -2.97 -26.97
N TYR A 469 -10.92 -2.90 -26.87
CA TYR A 469 -10.25 -1.81 -26.18
C TYR A 469 -9.30 -1.07 -27.13
N PRO A 470 -9.21 0.26 -26.98
CA PRO A 470 -8.28 1.11 -27.73
C PRO A 470 -6.85 0.54 -27.81
N ALA A 471 -6.29 0.13 -26.67
CA ALA A 471 -4.92 -0.38 -26.63
C ALA A 471 -4.87 -1.89 -26.83
N GLU A 472 -3.92 -2.35 -27.62
CA GLU A 472 -3.76 -3.77 -27.87
C GLU A 472 -2.66 -4.28 -26.96
N LEU A 473 -1.95 -3.36 -26.34
CA LEU A 473 -0.89 -3.68 -25.40
C LEU A 473 -1.05 -2.83 -24.15
N ALA A 474 -1.15 -3.47 -22.99
CA ALA A 474 -1.16 -2.76 -21.71
C ALA A 474 0.05 -3.15 -20.88
N VAL A 475 0.86 -2.18 -20.52
CA VAL A 475 2.06 -2.46 -19.75
C VAL A 475 2.12 -1.54 -18.53
N GLY A 476 2.36 -2.14 -17.36
CA GLY A 476 2.44 -1.41 -16.11
C GLY A 476 3.86 -1.40 -15.59
N PHE A 477 4.26 -0.26 -15.03
CA PHE A 477 5.62 -0.05 -14.55
C PHE A 477 5.61 0.20 -13.05
N ASP A 478 6.48 -0.49 -12.32
CA ASP A 478 6.61 -0.28 -10.87
C ASP A 478 8.07 -0.18 -10.45
N ALA A 479 8.32 0.45 -9.33
CA ALA A 479 9.67 0.54 -8.84
C ALA A 479 9.90 -0.11 -7.45
N GLY A 480 10.70 -1.16 -7.46
CA GLY A 480 11.46 -1.58 -6.30
C GLY A 480 10.82 -2.47 -5.29
N GLY A 481 11.57 -3.44 -4.81
CA GLY A 481 11.10 -4.31 -3.76
C GLY A 481 12.19 -4.41 -2.72
N ARG A 482 12.78 -3.25 -2.41
CA ARG A 482 13.89 -3.15 -1.49
C ARG A 482 13.91 -1.79 -0.81
N GLU A 483 14.66 -1.74 0.29
CA GLU A 483 14.77 -0.58 1.16
C GLU A 483 15.66 0.53 0.56
N SER A 484 16.97 0.31 0.60
CA SER A 484 17.97 1.31 0.25
C SER A 484 18.24 1.43 -1.26
N PHE A 485 17.66 0.52 -2.04
CA PHE A 485 17.67 0.65 -3.48
C PHE A 485 16.42 -0.02 -4.00
N ARG A 486 16.05 0.26 -5.26
CA ARG A 486 14.79 -0.22 -5.81
C ARG A 486 15.00 -1.17 -6.97
N PHE A 487 13.91 -1.59 -7.60
CA PHE A 487 14.05 -2.47 -8.75
C PHE A 487 13.52 -1.97 -10.07
N GLY A 488 12.27 -1.56 -10.15
CA GLY A 488 11.82 -1.04 -11.45
C GLY A 488 11.75 -2.06 -12.57
N GLY A 489 10.53 -2.55 -12.82
CA GLY A 489 10.30 -3.56 -13.84
C GLY A 489 8.91 -3.38 -14.40
N ALA A 490 8.52 -4.26 -15.31
CA ALA A 490 7.22 -4.13 -15.97
C ALA A 490 6.57 -5.49 -16.20
N ALA A 491 5.26 -5.48 -16.24
CA ALA A 491 4.51 -6.65 -16.62
C ALA A 491 3.53 -6.20 -17.68
N CYS A 492 2.86 -7.16 -18.30
CA CYS A 492 2.40 -6.98 -19.66
C CYS A 492 1.11 -7.71 -19.96
N ALA A 493 0.10 -6.99 -20.44
CA ALA A 493 -1.10 -7.63 -20.98
C ALA A 493 -1.12 -7.49 -22.50
N VAL A 494 -0.62 -8.54 -23.18
CA VAL A 494 -0.50 -8.58 -24.63
C VAL A 494 -1.80 -8.95 -25.33
N GLY A 495 -2.15 -8.19 -26.36
CA GLY A 495 -3.38 -8.42 -27.08
C GLY A 495 -4.51 -7.65 -26.42
N GLY A 496 -5.48 -7.23 -27.23
CA GLY A 496 -6.66 -6.49 -26.74
C GLY A 496 -7.52 -7.27 -25.75
N ASP A 497 -7.53 -8.59 -25.89
CA ASP A 497 -8.20 -9.46 -24.93
C ASP A 497 -7.34 -9.72 -23.68
N GLY A 498 -6.10 -9.24 -23.70
CA GLY A 498 -5.15 -9.58 -22.65
C GLY A 498 -4.82 -11.06 -22.69
N GLY A 499 -4.94 -11.63 -23.89
CA GLY A 499 -4.81 -13.07 -24.10
C GLY A 499 -3.50 -13.65 -23.63
N HIS A 500 -2.50 -12.79 -23.43
CA HIS A 500 -1.21 -13.22 -22.90
C HIS A 500 -0.77 -12.29 -21.78
N LEU A 501 -0.18 -12.84 -20.73
CA LEU A 501 0.46 -12.01 -19.73
C LEU A 501 1.94 -12.37 -19.64
N LEU A 502 2.80 -11.36 -19.54
CA LEU A 502 4.22 -11.63 -19.30
C LEU A 502 4.95 -10.56 -18.49
N TRP A 503 6.14 -10.92 -18.03
CA TRP A 503 6.96 -10.04 -17.23
C TRP A 503 8.30 -9.77 -17.90
N THR A 504 9.03 -8.79 -17.39
CA THR A 504 10.35 -8.47 -17.90
C THR A 504 11.33 -8.39 -16.71
N LEU A 505 12.56 -8.86 -16.90
CA LEU A 505 13.55 -8.88 -15.82
C LEU A 505 13.78 -7.47 -15.31
N PRO A 506 13.54 -7.25 -14.01
CA PRO A 506 13.64 -5.88 -13.50
C PRO A 506 15.10 -5.48 -13.30
N GLU A 507 15.36 -4.18 -13.21
CA GLU A 507 16.73 -3.68 -13.20
C GLU A 507 17.03 -2.83 -11.97
N ALA A 508 18.04 -3.21 -11.19
CA ALA A 508 18.37 -2.52 -9.95
C ALA A 508 18.66 -1.02 -10.17
N GLN A 509 18.10 -0.19 -9.28
CA GLN A 509 18.27 1.27 -9.34
C GLN A 509 18.33 1.91 -7.96
N ALA A 510 18.60 3.20 -7.90
CA ALA A 510 18.93 3.86 -6.64
C ALA A 510 17.75 4.34 -5.80
N GLY A 511 16.68 4.75 -6.47
CA GLY A 511 15.51 5.30 -5.79
C GLY A 511 14.23 5.02 -6.54
N GLU A 512 13.24 5.89 -6.36
CA GLU A 512 11.99 5.71 -7.07
C GLU A 512 12.14 5.87 -8.58
N ARG A 513 12.68 7.00 -9.02
CA ARG A 513 12.77 7.31 -10.43
C ARG A 513 13.43 6.20 -11.27
N ILE A 514 12.73 5.75 -12.30
CA ILE A 514 13.27 4.75 -13.23
C ILE A 514 14.02 5.47 -14.33
N PRO A 515 15.32 5.17 -14.48
CA PRO A 515 16.14 5.80 -15.52
C PRO A 515 15.40 5.85 -16.85
N GLN A 516 15.50 6.99 -17.51
CA GLN A 516 14.70 7.27 -18.69
C GLN A 516 14.82 6.15 -19.71
N GLU A 517 16.03 5.61 -19.82
CA GLU A 517 16.35 4.60 -20.83
C GLU A 517 15.99 3.19 -20.38
N VAL A 518 15.90 2.96 -19.07
CA VAL A 518 15.41 1.67 -18.60
C VAL A 518 13.92 1.55 -18.87
N VAL A 519 13.20 2.66 -18.75
CA VAL A 519 11.81 2.71 -19.16
C VAL A 519 11.66 2.27 -20.61
N TRP A 520 12.39 2.92 -21.52
CA TRP A 520 12.26 2.59 -22.93
C TRP A 520 12.72 1.16 -23.23
N ASP A 521 13.72 0.70 -22.49
CA ASP A 521 14.21 -0.67 -22.64
C ASP A 521 13.10 -1.68 -22.31
N LEU A 522 12.47 -1.51 -21.14
CA LEU A 522 11.42 -2.43 -20.69
C LEU A 522 10.26 -2.39 -21.67
N LEU A 523 9.90 -1.19 -22.10
CA LEU A 523 8.80 -1.02 -23.04
C LEU A 523 9.09 -1.77 -24.34
N GLU A 524 10.30 -1.59 -24.86
CA GLU A 524 10.71 -2.29 -26.07
C GLU A 524 10.57 -3.80 -25.93
N GLU A 525 10.88 -4.34 -24.75
CA GLU A 525 10.74 -5.79 -24.50
C GLU A 525 9.31 -6.23 -24.76
N THR A 526 8.35 -5.39 -24.38
CA THR A 526 6.96 -5.77 -24.43
C THR A 526 6.41 -5.60 -25.83
N LEU A 527 7.01 -4.69 -26.60
CA LEU A 527 6.63 -4.51 -28.00
C LEU A 527 7.10 -5.70 -28.86
N TRP A 528 8.30 -6.20 -28.59
CA TRP A 528 8.79 -7.39 -29.26
C TRP A 528 7.97 -8.62 -28.89
N ALA A 529 7.50 -8.66 -27.65
CA ALA A 529 6.62 -9.71 -27.20
C ALA A 529 5.33 -9.67 -28.01
N PHE A 530 4.76 -8.48 -28.12
CA PHE A 530 3.52 -8.29 -28.87
C PHE A 530 3.69 -8.63 -30.34
N ARG A 531 4.88 -8.34 -30.89
CA ARG A 531 5.13 -8.54 -32.32
C ARG A 531 5.17 -10.03 -32.69
N ARG A 532 5.82 -10.85 -31.87
CA ARG A 532 5.92 -12.27 -32.21
C ARG A 532 4.65 -13.05 -31.85
N LYS A 533 3.61 -12.33 -31.45
CA LYS A 533 2.34 -12.96 -31.13
C LYS A 533 1.27 -12.54 -32.12
N ALA A 534 1.48 -11.37 -32.73
CA ALA A 534 0.53 -10.78 -33.67
C ALA A 534 1.18 -10.55 -35.04
N GLY A 535 2.48 -10.79 -35.12
CA GLY A 535 3.24 -10.58 -36.35
C GLY A 535 3.28 -9.13 -36.80
N ARG A 536 3.12 -8.22 -35.85
CA ARG A 536 2.88 -6.82 -36.20
C ARG A 536 3.10 -5.95 -34.97
N LEU A 537 3.27 -4.64 -35.15
CA LEU A 537 3.42 -3.73 -34.02
C LEU A 537 2.07 -3.22 -33.50
N PRO A 538 1.97 -3.03 -32.18
CA PRO A 538 0.76 -2.50 -31.56
C PRO A 538 0.42 -1.17 -32.20
N SER A 539 -0.85 -0.96 -32.50
CA SER A 539 -1.28 0.32 -33.01
C SER A 539 -1.35 1.34 -31.88
N ARG A 540 -1.48 0.85 -30.65
CA ARG A 540 -1.70 1.71 -29.49
C ARG A 540 -1.35 1.00 -28.20
N VAL A 541 -0.61 1.67 -27.32
CA VAL A 541 -0.31 1.09 -26.02
C VAL A 541 -0.88 1.92 -24.90
N LEU A 542 -1.15 1.23 -23.79
CA LEU A 542 -1.62 1.87 -22.57
C LEU A 542 -0.52 1.72 -21.53
N LEU A 543 -0.01 2.86 -21.06
CA LEU A 543 1.13 2.89 -20.15
C LEU A 543 0.69 3.23 -18.72
N LEU A 544 1.00 2.35 -17.77
CA LEU A 544 0.55 2.56 -16.41
C LEU A 544 1.73 2.62 -15.44
N ARG A 545 1.73 3.63 -14.57
CA ARG A 545 2.68 3.67 -13.44
C ARG A 545 2.03 3.52 -12.06
N ASN A 546 2.63 2.68 -11.22
CA ASN A 546 2.30 2.66 -9.80
C ASN A 546 2.77 3.93 -9.12
N GLY A 547 1.83 4.74 -8.64
CA GLY A 547 2.16 5.94 -7.93
C GLY A 547 2.41 7.12 -8.85
N ARG A 548 2.90 8.20 -8.26
CA ARG A 548 3.28 9.39 -9.01
C ARG A 548 4.29 9.03 -10.11
N VAL A 549 4.28 9.79 -11.20
CA VAL A 549 5.27 9.65 -12.27
C VAL A 549 6.31 10.76 -12.18
N PRO A 550 7.55 10.42 -11.79
CA PRO A 550 8.66 11.38 -11.69
C PRO A 550 8.82 12.19 -12.98
N GLN A 551 9.19 13.46 -12.88
CA GLN A 551 9.20 14.35 -14.04
C GLN A 551 9.85 13.77 -15.30
N ASP A 552 9.06 13.74 -16.38
CA ASP A 552 9.47 13.20 -17.68
C ASP A 552 10.40 11.98 -17.68
N GLU A 553 10.06 10.98 -16.87
CA GLU A 553 10.83 9.73 -16.87
C GLU A 553 10.38 8.85 -18.03
N PHE A 554 9.27 9.24 -18.65
CA PHE A 554 8.77 8.52 -19.82
C PHE A 554 9.05 9.28 -21.12
N ALA A 555 9.65 10.47 -20.99
CA ALA A 555 9.88 11.36 -22.14
C ALA A 555 10.59 10.65 -23.28
N LEU A 556 11.70 10.00 -22.92
CA LEU A 556 12.50 9.27 -23.88
C LEU A 556 11.73 8.12 -24.52
N ALA A 557 10.92 7.43 -23.72
CA ALA A 557 10.16 6.30 -24.22
C ALA A 557 9.00 6.75 -25.10
N LEU A 558 8.41 7.89 -24.76
CA LEU A 558 7.29 8.42 -25.55
C LEU A 558 7.72 8.91 -26.93
N GLU A 559 8.93 9.48 -27.02
CA GLU A 559 9.41 9.96 -28.31
C GLU A 559 9.79 8.75 -29.18
N ALA A 560 10.34 7.73 -28.55
CA ALA A 560 10.70 6.52 -29.27
C ALA A 560 9.45 5.90 -29.89
N LEU A 561 8.34 6.01 -29.17
CA LEU A 561 7.06 5.48 -29.65
C LEU A 561 6.57 6.33 -30.81
N ALA A 562 6.67 7.65 -30.67
CA ALA A 562 6.33 8.56 -31.74
C ALA A 562 7.19 8.27 -32.98
N ARG A 563 8.51 8.19 -32.80
CA ARG A 563 9.38 7.75 -33.88
C ARG A 563 8.81 6.54 -34.60
N GLU A 564 8.52 5.48 -33.86
CA GLU A 564 8.07 4.22 -34.48
C GLU A 564 6.60 4.24 -34.92
N GLY A 565 5.96 5.39 -34.79
CA GLY A 565 4.56 5.52 -35.18
C GLY A 565 3.59 4.67 -34.37
N ILE A 566 3.75 4.69 -33.05
CA ILE A 566 2.86 3.97 -32.13
C ILE A 566 2.16 4.94 -31.19
N ALA A 567 0.84 4.82 -31.11
CA ALA A 567 0.04 5.74 -30.32
C ALA A 567 0.00 5.27 -28.87
N TYR A 568 -0.32 6.17 -27.96
CA TYR A 568 -0.15 5.84 -26.55
C TYR A 568 -0.89 6.79 -25.62
N ASP A 569 -1.20 6.25 -24.45
CA ASP A 569 -1.60 7.07 -23.32
C ASP A 569 -0.76 6.67 -22.11
N LEU A 570 -0.49 7.63 -21.24
CA LEU A 570 0.28 7.37 -20.04
C LEU A 570 -0.58 7.74 -18.83
N VAL A 571 -0.90 6.75 -18.00
CA VAL A 571 -1.69 6.99 -16.79
C VAL A 571 -0.92 6.68 -15.50
N SER A 572 -1.00 7.60 -14.55
CA SER A 572 -0.45 7.44 -13.21
C SER A 572 -1.55 6.95 -12.27
N VAL A 573 -1.31 5.82 -11.60
CA VAL A 573 -2.31 5.20 -10.76
C VAL A 573 -1.91 5.16 -9.29
N ARG A 574 -2.42 6.10 -8.49
CA ARG A 574 -2.12 6.16 -7.07
C ARG A 574 -3.10 5.36 -6.21
N LYS A 575 -2.58 4.59 -5.24
CA LYS A 575 -3.42 3.87 -4.29
C LYS A 575 -3.96 4.75 -3.14
N SER A 576 -3.26 5.85 -2.85
CA SER A 576 -3.73 6.83 -1.87
C SER A 576 -3.93 8.20 -2.51
N GLY A 577 -4.79 9.03 -1.92
CA GLY A 577 -5.03 10.37 -2.42
C GLY A 577 -6.37 10.53 -3.12
N GLY A 578 -7.13 9.45 -3.18
CA GLY A 578 -8.44 9.48 -3.82
C GLY A 578 -9.52 9.89 -2.85
N GLY A 579 -9.18 9.89 -1.57
CA GLY A 579 -10.17 10.16 -0.55
C GLY A 579 -11.25 9.09 -0.57
N ARG A 580 -12.49 9.54 -0.50
CA ARG A 580 -13.64 8.64 -0.39
C ARG A 580 -14.72 9.03 -1.41
N VAL A 581 -15.59 8.08 -1.73
CA VAL A 581 -16.70 8.33 -2.66
C VAL A 581 -17.96 7.66 -2.13
N TYR A 582 -19.03 8.42 -1.91
CA TYR A 582 -20.29 7.86 -1.40
C TYR A 582 -21.47 8.18 -2.30
N PRO A 583 -22.28 7.17 -2.63
CA PRO A 583 -23.48 7.47 -3.41
C PRO A 583 -24.35 8.39 -2.62
N VAL A 584 -24.97 9.37 -3.28
CA VAL A 584 -25.99 10.18 -2.66
C VAL A 584 -27.23 9.29 -2.38
N GLN A 585 -27.60 8.50 -3.38
CA GLN A 585 -28.68 7.52 -3.25
C GLN A 585 -28.26 6.13 -3.74
N GLY A 586 -28.85 5.09 -3.15
CA GLY A 586 -28.69 3.76 -3.68
C GLY A 586 -27.45 3.01 -3.22
N ARG A 587 -27.18 1.90 -3.88
CA ARG A 587 -26.01 1.09 -3.58
C ARG A 587 -24.80 1.68 -4.28
N LEU A 588 -23.62 1.27 -3.85
CA LEU A 588 -22.43 1.56 -4.62
C LEU A 588 -21.84 0.24 -5.07
N ALA A 589 -21.71 0.08 -6.38
CA ALA A 589 -21.09 -1.12 -6.91
C ALA A 589 -19.74 -0.73 -7.49
N ASP A 590 -18.81 -1.68 -7.53
CA ASP A 590 -17.55 -1.38 -8.18
C ASP A 590 -17.83 -1.16 -9.67
N GLY A 591 -16.89 -0.52 -10.34
CA GLY A 591 -17.10 -0.08 -11.70
C GLY A 591 -17.43 1.40 -11.71
N LEU A 592 -17.14 2.08 -10.62
CA LEU A 592 -17.47 3.49 -10.50
C LEU A 592 -16.41 4.43 -11.07
N TYR A 593 -16.84 5.34 -11.94
CA TYR A 593 -15.93 6.29 -12.58
C TYR A 593 -16.32 7.75 -12.24
N VAL A 594 -15.37 8.50 -11.68
CA VAL A 594 -15.64 9.86 -11.21
C VAL A 594 -14.65 10.88 -11.77
N PRO A 595 -15.00 11.57 -12.86
CA PRO A 595 -14.15 12.62 -13.43
C PRO A 595 -13.99 13.79 -12.48
N LEU A 596 -12.80 14.35 -12.38
CA LEU A 596 -12.56 15.39 -11.37
C LEU A 596 -12.17 16.71 -11.99
N GLU A 597 -10.90 16.85 -12.35
CA GLU A 597 -10.47 17.92 -13.22
C GLU A 597 -10.29 17.27 -14.58
N ASP A 598 -9.56 17.94 -15.45
CA ASP A 598 -9.16 17.30 -16.69
C ASP A 598 -7.89 16.52 -16.37
N LYS A 599 -7.69 15.44 -17.12
CA LYS A 599 -6.50 14.60 -16.93
C LYS A 599 -6.51 13.86 -15.58
N THR A 600 -7.67 13.76 -14.94
CA THR A 600 -7.72 13.14 -13.61
C THR A 600 -9.12 12.65 -13.18
N PHE A 601 -9.14 11.56 -12.43
CA PHE A 601 -10.42 10.93 -12.07
C PHE A 601 -10.26 9.83 -11.04
N LEU A 602 -11.33 9.53 -10.32
CA LEU A 602 -11.31 8.42 -9.38
C LEU A 602 -11.95 7.22 -10.03
N LEU A 603 -11.53 6.05 -9.61
CA LEU A 603 -12.08 4.82 -10.10
C LEU A 603 -12.26 3.86 -8.93
N LEU A 604 -13.51 3.55 -8.63
CA LEU A 604 -13.83 2.61 -7.59
C LEU A 604 -13.86 1.24 -8.25
N THR A 605 -12.78 0.50 -8.07
CA THR A 605 -12.51 -0.66 -8.89
C THR A 605 -13.00 -1.96 -8.24
N VAL A 606 -13.12 -1.94 -6.92
CA VAL A 606 -13.46 -3.15 -6.19
C VAL A 606 -14.27 -2.81 -4.93
N HIS A 607 -15.37 -3.51 -4.75
CA HIS A 607 -16.14 -3.43 -3.52
C HIS A 607 -16.68 -4.82 -3.24
N ARG A 608 -16.47 -5.31 -2.03
CA ARG A 608 -16.69 -6.72 -1.81
C ARG A 608 -16.76 -7.15 -0.34
N ASP A 609 -15.98 -6.48 0.50
CA ASP A 609 -15.96 -6.79 1.94
C ASP A 609 -16.77 -5.75 2.71
N PHE A 610 -18.09 -5.83 2.54
CA PHE A 610 -19.07 -4.81 2.97
C PHE A 610 -18.99 -4.33 4.43
N ARG A 611 -18.12 -4.93 5.23
CA ARG A 611 -17.85 -4.44 6.59
C ARG A 611 -16.77 -3.34 6.58
N GLY A 612 -16.07 -3.18 5.46
CA GLY A 612 -15.11 -2.11 5.28
C GLY A 612 -15.53 -1.13 4.19
N THR A 613 -14.89 0.04 4.15
CA THR A 613 -15.18 1.07 3.13
C THR A 613 -14.13 1.07 2.03
N PRO A 614 -14.57 1.09 0.76
CA PRO A 614 -13.63 1.02 -0.35
C PRO A 614 -12.78 2.28 -0.46
N ARG A 615 -11.58 2.11 -1.00
CA ARG A 615 -10.71 3.24 -1.27
C ARG A 615 -10.47 3.35 -2.78
N PRO A 616 -11.08 4.36 -3.43
CA PRO A 616 -10.95 4.59 -4.87
C PRO A 616 -9.50 4.79 -5.26
N LEU A 617 -9.11 4.36 -6.46
CA LEU A 617 -7.81 4.75 -7.02
C LEU A 617 -7.97 6.17 -7.57
N LYS A 618 -6.91 6.95 -7.49
CA LYS A 618 -6.89 8.26 -8.13
C LYS A 618 -5.95 8.15 -9.32
N LEU A 619 -6.45 8.49 -10.50
CA LEU A 619 -5.65 8.33 -11.72
C LEU A 619 -5.49 9.65 -12.41
N VAL A 620 -4.30 9.86 -12.95
CA VAL A 620 -3.98 11.07 -13.68
C VAL A 620 -3.56 10.73 -15.10
N HIS A 621 -4.19 11.39 -16.06
CA HIS A 621 -3.90 11.21 -17.48
C HIS A 621 -2.71 12.08 -17.84
N GLU A 622 -1.55 11.47 -17.91
CA GLU A 622 -0.32 12.23 -17.93
C GLU A 622 0.15 12.54 -19.37
N ALA A 623 -0.24 11.69 -20.32
CA ALA A 623 0.14 11.89 -21.72
C ALA A 623 -0.78 11.11 -22.62
N GLY A 624 -0.97 11.61 -23.84
CA GLY A 624 -1.89 11.00 -24.78
C GLY A 624 -3.21 11.72 -24.76
N ASP A 625 -4.12 11.34 -25.65
CA ASP A 625 -5.38 12.08 -25.74
C ASP A 625 -6.62 11.19 -25.93
N THR A 626 -6.58 9.97 -25.41
CA THR A 626 -7.75 9.09 -25.37
C THR A 626 -8.73 9.66 -24.35
N PRO A 627 -10.05 9.61 -24.65
CA PRO A 627 -11.05 10.09 -23.70
C PRO A 627 -10.88 9.45 -22.32
N LEU A 628 -10.97 10.26 -21.27
CA LEU A 628 -10.82 9.81 -19.90
C LEU A 628 -11.63 8.55 -19.63
N GLU A 629 -12.86 8.54 -20.11
CA GLU A 629 -13.80 7.46 -19.86
C GLU A 629 -13.35 6.15 -20.53
N ALA A 630 -12.67 6.28 -21.66
CA ALA A 630 -12.22 5.11 -22.38
C ALA A 630 -11.04 4.51 -21.66
N LEU A 631 -10.23 5.35 -21.05
CA LEU A 631 -9.13 4.87 -20.23
C LEU A 631 -9.71 4.17 -19.02
N ALA A 632 -10.63 4.85 -18.34
CA ALA A 632 -11.29 4.26 -17.17
C ALA A 632 -11.84 2.87 -17.48
N HIS A 633 -12.60 2.77 -18.56
CA HIS A 633 -13.17 1.50 -19.00
C HIS A 633 -12.13 0.38 -19.10
N GLN A 634 -10.96 0.68 -19.67
CA GLN A 634 -9.98 -0.37 -19.91
C GLN A 634 -9.21 -0.76 -18.66
N ILE A 635 -8.76 0.24 -17.91
CA ILE A 635 -8.15 0.02 -16.61
C ILE A 635 -9.03 -0.92 -15.80
N PHE A 636 -10.31 -0.54 -15.65
CA PHE A 636 -11.28 -1.31 -14.88
C PHE A 636 -11.33 -2.80 -15.27
N HIS A 637 -11.46 -3.07 -16.57
CA HIS A 637 -11.56 -4.43 -17.04
C HIS A 637 -10.28 -5.20 -16.81
N LEU A 638 -9.14 -4.52 -16.94
CA LEU A 638 -7.82 -5.13 -16.72
C LEU A 638 -7.69 -5.61 -15.30
N THR A 639 -8.42 -4.94 -14.42
CA THR A 639 -8.60 -5.37 -13.03
C THR A 639 -8.97 -6.85 -12.93
N ARG A 640 -9.76 -7.33 -13.89
CA ARG A 640 -10.32 -8.70 -13.80
C ARG A 640 -9.43 -9.80 -14.38
N LEU A 641 -8.26 -9.40 -14.88
CA LEU A 641 -7.43 -10.29 -15.68
C LEU A 641 -6.41 -11.09 -14.88
N TYR A 642 -6.32 -10.84 -13.58
CA TYR A 642 -5.31 -11.47 -12.75
C TYR A 642 -5.63 -12.95 -12.50
N PRO A 643 -4.72 -13.86 -12.86
CA PRO A 643 -4.94 -15.31 -12.81
C PRO A 643 -4.89 -15.94 -11.41
N ALA A 644 -4.07 -15.40 -10.52
CA ALA A 644 -3.73 -16.10 -9.28
C ALA A 644 -4.65 -15.84 -8.08
N SER A 645 -5.70 -15.03 -8.27
CA SER A 645 -6.58 -14.69 -7.17
C SER A 645 -7.84 -15.53 -7.06
N GLY A 646 -8.39 -15.96 -8.19
CA GLY A 646 -9.41 -17.01 -8.10
C GLY A 646 -10.79 -16.61 -7.60
N PHE A 647 -10.85 -15.98 -6.43
CA PHE A 647 -12.14 -15.66 -5.80
C PHE A 647 -12.37 -14.18 -5.54
N ALA A 648 -11.37 -13.35 -5.81
CA ALA A 648 -11.48 -11.90 -5.60
C ALA A 648 -10.60 -11.14 -6.58
N PHE A 649 -11.08 -10.02 -7.10
CA PHE A 649 -10.26 -9.22 -7.98
C PHE A 649 -9.39 -8.22 -7.23
N PRO A 650 -8.17 -7.99 -7.73
CA PRO A 650 -7.28 -6.97 -7.18
C PRO A 650 -7.85 -5.59 -7.44
N ARG A 651 -7.41 -4.62 -6.66
CA ARG A 651 -7.87 -3.25 -6.82
C ARG A 651 -7.14 -2.61 -8.00
N LEU A 652 -5.97 -3.16 -8.33
CA LEU A 652 -5.14 -2.66 -9.41
C LEU A 652 -5.35 -3.43 -10.70
N PRO A 653 -5.16 -2.75 -11.85
CA PRO A 653 -5.16 -3.40 -13.16
C PRO A 653 -4.08 -4.46 -13.23
N ALA A 654 -4.43 -5.62 -13.77
CA ALA A 654 -3.54 -6.77 -13.78
C ALA A 654 -2.06 -6.47 -14.03
N PRO A 655 -1.74 -5.57 -14.98
CA PRO A 655 -0.33 -5.31 -15.25
C PRO A 655 0.39 -4.62 -14.08
N LEU A 656 -0.26 -3.66 -13.44
CA LEU A 656 0.30 -2.96 -12.27
C LEU A 656 0.36 -3.86 -11.03
N HIS A 657 -0.62 -4.74 -10.91
CA HIS A 657 -0.65 -5.69 -9.82
C HIS A 657 0.44 -6.73 -10.01
N LEU A 658 0.68 -7.13 -11.26
CA LEU A 658 1.74 -8.08 -11.58
C LEU A 658 3.11 -7.45 -11.39
N ALA A 659 3.24 -6.20 -11.84
CA ALA A 659 4.51 -5.51 -11.75
C ALA A 659 4.87 -5.35 -10.28
N ASP A 660 3.90 -4.98 -9.45
CA ASP A 660 4.12 -4.95 -8.01
C ASP A 660 4.60 -6.29 -7.46
N ARG A 661 3.87 -7.36 -7.73
CA ARG A 661 4.23 -8.68 -7.23
C ARG A 661 5.63 -9.07 -7.68
N LEU A 662 5.97 -8.68 -8.92
CA LEU A 662 7.21 -9.07 -9.58
C LEU A 662 8.45 -8.41 -8.97
N VAL A 663 8.39 -7.10 -8.75
CA VAL A 663 9.51 -6.45 -8.11
C VAL A 663 9.63 -6.80 -6.64
N LYS A 664 8.55 -7.29 -6.04
CA LYS A 664 8.63 -7.75 -4.65
C LYS A 664 9.29 -9.10 -4.55
N GLU A 665 9.01 -9.96 -5.53
CA GLU A 665 9.60 -11.28 -5.57
C GLU A 665 11.08 -11.18 -5.81
N VAL A 666 11.43 -10.35 -6.78
CA VAL A 666 12.82 -10.22 -7.19
C VAL A 666 13.65 -9.59 -6.06
N GLY A 667 13.04 -8.65 -5.34
CA GLY A 667 13.69 -8.03 -4.21
C GLY A 667 13.89 -9.03 -3.08
N ARG A 668 13.15 -10.13 -3.13
CA ARG A 668 13.17 -11.13 -2.08
C ARG A 668 14.11 -12.26 -2.43
N LEU A 669 14.08 -12.69 -3.68
CA LEU A 669 14.86 -13.82 -4.19
C LEU A 669 16.17 -13.37 -4.85
N GLY A 670 16.18 -12.16 -5.36
CA GLY A 670 17.28 -11.70 -6.15
C GLY A 670 16.96 -11.78 -7.63
N ILE A 671 17.94 -11.36 -8.42
CA ILE A 671 17.82 -11.21 -9.86
C ILE A 671 18.40 -12.40 -10.61
N ARG A 672 19.23 -13.18 -9.91
CA ARG A 672 19.86 -14.36 -10.48
C ARG A 672 18.89 -15.54 -10.66
N HIS A 673 19.32 -16.57 -11.36
CA HIS A 673 18.53 -17.80 -11.55
C HIS A 673 17.28 -17.64 -12.43
N LEU A 674 17.19 -16.61 -13.26
CA LEU A 674 16.00 -16.49 -14.10
C LEU A 674 16.23 -16.60 -15.61
N LYS A 675 17.44 -16.97 -16.03
CA LYS A 675 17.72 -17.05 -17.47
C LYS A 675 16.88 -18.13 -18.12
N GLU A 676 16.62 -19.21 -17.39
CA GLU A 676 15.88 -20.33 -17.97
C GLU A 676 14.41 -20.37 -17.57
N VAL A 677 13.88 -19.24 -17.13
CA VAL A 677 12.46 -19.12 -16.81
C VAL A 677 11.77 -18.26 -17.87
N ASP A 678 10.89 -18.90 -18.63
CA ASP A 678 10.12 -18.23 -19.69
C ASP A 678 9.44 -16.97 -19.16
N ARG A 679 9.41 -15.90 -19.96
CA ARG A 679 8.73 -14.69 -19.50
C ARG A 679 7.21 -14.78 -19.58
N GLU A 680 6.68 -15.93 -19.98
CA GLU A 680 5.23 -16.13 -19.96
C GLU A 680 4.83 -16.93 -18.72
N LYS A 681 5.84 -17.44 -18.03
CA LYS A 681 5.67 -18.18 -16.79
C LYS A 681 5.75 -17.23 -15.60
N LEU A 682 4.61 -16.92 -15.00
CA LEU A 682 4.54 -15.95 -13.90
C LEU A 682 5.05 -16.51 -12.57
N PHE A 683 6.37 -16.66 -12.46
CA PHE A 683 7.01 -17.34 -11.31
C PHE A 683 6.72 -16.71 -9.96
N PHE A 684 6.15 -15.51 -9.97
CA PHE A 684 6.16 -14.64 -8.80
C PHE A 684 4.77 -14.41 -8.19
N VAL A 685 3.75 -15.06 -8.74
CA VAL A 685 2.40 -14.89 -8.21
C VAL A 685 2.16 -15.78 -6.97
#